data_5QJ4
#
_entry.id   5QJ4
#
_cell.length_a   49.382
_cell.length_b   59.834
_cell.length_c   80.137
_cell.angle_alpha   79.360
_cell.angle_beta   81.670
_cell.angle_gamma   75.750
#
_symmetry.space_group_name_H-M   'P 1'
#
loop_
_entity.id
_entity.type
_entity.pdbx_description
1 polymer 'ADP-sugar pyrophosphatase'
2 non-polymer 'MAGNESIUM ION'
3 non-polymer '(2S,3S)-3-methyl-N-(1,2,3-thiadiazol-5-yl)tetrahydrofuran-2-carboxamide (non-preferred name)'
4 non-polymer 1,2-ETHANEDIOL
5 non-polymer 'CHLORIDE ION'
6 water water
#
_entity_poly.entity_id   1
_entity_poly.type   'polypeptide(L)'
_entity_poly.pdbx_seq_one_letter_code
;SMESQEPTESSQNGKQYIISEELISEGKWVKLEKTTYMDPTGKTRTWESVKRTTRKEQTADGVAVIPVLQRTLHYECIVL
VKQFRPPMGGYCIEFPAGLIDDGETPEAAALRELEEETGYKGDIAECSPAVCMDPGLSNCTIHIVTVTINGDDAENARPK
PKPGDGEFVEVISLPKNDLLQRLDALVAEEHLTVDARVYSYALALKHAN
;
_entity_poly.pdbx_strand_id   A,B,C,D
#
loop_
_chem_comp.id
_chem_comp.type
_chem_comp.name
_chem_comp.formula
CL non-polymer 'CHLORIDE ION' 'Cl -1'
EDO non-polymer 1,2-ETHANEDIOL 'C2 H6 O2'
K04 non-polymer '(2S,3S)-3-methyl-N-(1,2,3-thiadiazol-5-yl)tetrahydrofuran-2-carboxamide (non-preferred name)' 'C8 H11 N3 O2 S'
MG non-polymer 'MAGNESIUM ION' 'Mg 2'
#
# COMPACT_ATOMS: atom_id res chain seq x y z
N LYS A 15 -2.93 4.79 47.13
CA LYS A 15 -1.65 5.03 47.85
C LYS A 15 -1.02 6.39 47.45
N GLN A 16 -0.79 6.65 46.16
CA GLN A 16 0.07 7.80 45.78
C GLN A 16 -0.67 9.06 45.42
N TYR A 17 -0.05 10.20 45.73
CA TYR A 17 -0.70 11.52 45.51
C TYR A 17 0.32 12.66 45.56
N ILE A 18 -0.11 13.79 45.04
CA ILE A 18 0.68 15.00 44.97
C ILE A 18 0.64 15.65 46.35
N ILE A 19 1.81 16.01 46.86
CA ILE A 19 1.98 16.83 48.08
C ILE A 19 2.10 18.33 47.75
N SER A 20 2.94 18.70 46.81
CA SER A 20 3.07 20.11 46.46
C SER A 20 3.62 20.23 45.04
N GLU A 21 3.44 21.38 44.42
CA GLU A 21 3.94 21.63 43.07
C GLU A 21 4.58 23.02 43.14
N GLU A 22 5.90 23.09 43.09
CA GLU A 22 6.67 24.34 43.20
C GLU A 22 7.14 24.78 41.83
N LEU A 23 6.85 26.02 41.47
CA LEU A 23 7.25 26.55 40.17
C LEU A 23 8.77 26.66 40.12
N ILE A 24 9.39 26.14 39.08
CA ILE A 24 10.83 26.36 38.86
C ILE A 24 11.10 27.46 37.84
N SER A 25 10.34 27.50 36.74
CA SER A 25 10.58 28.46 35.68
C SER A 25 9.36 28.58 34.80
N GLU A 26 8.85 29.77 34.56
CA GLU A 26 7.63 29.98 33.78
C GLU A 26 8.00 30.82 32.57
N GLY A 27 7.79 30.25 31.38
CA GLY A 27 7.74 30.97 30.16
C GLY A 27 6.34 31.46 29.82
N LYS A 28 6.21 31.97 28.60
CA LYS A 28 4.92 32.41 28.07
C LYS A 28 4.00 31.24 27.70
N TRP A 29 4.61 30.09 27.36
CA TRP A 29 3.90 28.90 26.84
C TRP A 29 4.07 27.59 27.64
N VAL A 30 5.24 27.43 28.25
CA VAL A 30 5.61 26.24 29.00
C VAL A 30 6.29 26.63 30.31
N LYS A 31 5.99 25.86 31.35
CA LYS A 31 6.65 25.95 32.63
C LYS A 31 7.18 24.61 33.10
N LEU A 32 8.18 24.70 33.96
CA LEU A 32 8.79 23.60 34.62
C LEU A 32 8.51 23.69 36.13
N GLU A 33 8.07 22.58 36.71
CA GLU A 33 7.69 22.52 38.12
C GLU A 33 8.46 21.43 38.83
N LYS A 34 8.69 21.65 40.12
CA LYS A 34 9.19 20.62 41.04
C LYS A 34 7.98 20.02 41.75
N THR A 35 7.71 18.74 41.50
CA THR A 35 6.54 18.08 42.05
C THR A 35 7.01 17.25 43.22
N THR A 36 6.35 17.40 44.36
CA THR A 36 6.59 16.57 45.52
C THR A 36 5.40 15.67 45.68
N TYR A 37 5.68 14.39 45.87
CA TYR A 37 4.63 13.39 45.98
C TYR A 37 4.94 12.30 46.96
N MET A 38 3.89 11.58 47.31
CA MET A 38 3.96 10.47 48.25
C MET A 38 4.03 9.19 47.45
N ASP A 39 5.09 8.43 47.71
CA ASP A 39 5.29 7.13 47.06
C ASP A 39 4.51 6.08 47.86
N PRO A 40 4.37 4.87 47.31
CA PRO A 40 3.46 3.93 47.95
C PRO A 40 4.05 3.16 49.14
N THR A 41 5.33 3.39 49.46
CA THR A 41 5.89 2.98 50.78
C THR A 41 5.64 4.00 51.90
N GLY A 42 4.99 5.13 51.61
CA GLY A 42 4.75 6.21 52.59
C GLY A 42 5.87 7.26 52.63
N LYS A 43 6.79 7.15 51.68
CA LYS A 43 7.96 7.98 51.56
C LYS A 43 7.72 9.16 50.54
N THR A 44 8.14 10.35 50.96
CA THR A 44 8.12 11.58 50.13
C THR A 44 9.19 11.51 49.00
N ARG A 45 8.82 11.84 47.76
CA ARG A 45 9.80 12.00 46.66
C ARG A 45 9.45 13.18 45.74
N THR A 46 10.42 13.58 44.91
CA THR A 46 10.18 14.66 43.95
C THR A 46 10.36 14.26 42.46
N TRP A 47 9.91 15.13 41.61
CA TRP A 47 9.93 14.88 40.17
C TRP A 47 10.00 16.20 39.48
N GLU A 48 10.66 16.26 38.36
CA GLU A 48 10.60 17.45 37.53
C GLU A 48 9.49 17.30 36.45
N SER A 49 8.50 18.19 36.51
CA SER A 49 7.32 18.13 35.65
C SER A 49 7.24 19.32 34.75
N VAL A 50 6.78 19.09 33.52
CA VAL A 50 6.48 20.12 32.55
C VAL A 50 4.97 20.29 32.43
N LYS A 51 4.55 21.53 32.33
CA LYS A 51 3.18 21.86 31.98
C LYS A 51 3.08 23.04 31.03
N ARG A 52 2.00 23.10 30.26
CA ARG A 52 1.71 24.28 29.51
C ARG A 52 1.11 25.37 30.38
N THR A 53 1.26 26.63 29.96
CA THR A 53 0.65 27.77 30.66
C THR A 53 -0.74 28.12 30.11
N THR A 54 -1.15 27.45 29.05
CA THR A 54 -2.34 27.77 28.30
C THR A 54 -3.62 27.03 28.69
N ARG A 55 -3.58 26.11 29.67
CA ARG A 55 -4.74 25.27 29.95
C ARG A 55 -5.65 26.00 30.92
N LYS A 56 -6.89 26.21 30.52
CA LYS A 56 -7.87 26.91 31.33
C LYS A 56 -8.86 25.89 31.92
N GLU A 57 -10.09 25.88 31.44
CA GLU A 57 -11.11 24.89 31.85
C GLU A 57 -11.33 23.80 30.78
N GLN A 58 -10.45 23.67 29.79
CA GLN A 58 -10.58 22.60 28.79
C GLN A 58 -10.35 21.25 29.47
N THR A 59 -11.04 20.25 28.99
CA THR A 59 -10.80 18.88 29.45
C THR A 59 -9.43 18.37 29.07
N ALA A 60 -8.68 19.13 28.27
CA ALA A 60 -7.38 18.74 27.79
C ALA A 60 -6.73 19.98 27.16
N ASP A 61 -5.43 19.88 26.94
CA ASP A 61 -4.70 20.94 26.26
C ASP A 61 -5.19 21.10 24.80
N GLY A 62 -5.33 19.97 24.13
CA GLY A 62 -5.36 19.92 22.69
C GLY A 62 -6.22 18.82 22.14
N VAL A 63 -6.29 18.80 20.81
CA VAL A 63 -6.84 17.67 20.11
C VAL A 63 -5.87 17.22 19.03
N ALA A 64 -5.98 15.95 18.71
CA ALA A 64 -5.39 15.40 17.47
C ALA A 64 -6.53 14.73 16.65
N VAL A 65 -6.52 14.92 15.35
CA VAL A 65 -7.56 14.45 14.53
C VAL A 65 -7.06 13.21 13.73
N ILE A 66 -7.84 12.12 13.77
CA ILE A 66 -7.65 10.99 12.87
C ILE A 66 -8.66 11.19 11.72
N PRO A 67 -8.20 11.69 10.57
CA PRO A 67 -9.12 12.08 9.52
C PRO A 67 -9.13 11.02 8.39
N VAL A 68 -10.24 10.34 8.24
CA VAL A 68 -10.38 9.23 7.31
C VAL A 68 -11.06 9.71 6.06
N LEU A 69 -10.29 9.88 5.01
CA LEU A 69 -10.81 10.47 3.84
C LEU A 69 -11.43 9.35 3.05
N GLN A 70 -12.72 9.48 2.77
CA GLN A 70 -13.52 8.43 2.08
C GLN A 70 -14.00 9.01 0.74
N ARG A 71 -13.85 8.19 -0.32
CA ARG A 71 -14.06 8.65 -1.70
C ARG A 71 -14.50 7.45 -2.48
N THR A 72 -15.54 7.58 -3.28
CA THR A 72 -16.07 6.36 -3.96
C THR A 72 -15.02 5.82 -4.92
N LEU A 73 -14.82 4.52 -4.87
CA LEU A 73 -13.81 3.81 -5.73
C LEU A 73 -12.37 4.31 -5.48
N HIS A 74 -12.12 4.78 -4.25
CA HIS A 74 -10.75 5.03 -3.73
C HIS A 74 -10.62 4.24 -2.48
N TYR A 75 -9.40 3.76 -2.20
CA TYR A 75 -9.12 3.16 -0.92
C TYR A 75 -9.19 4.30 0.14
N GLU A 76 -9.63 4.02 1.35
CA GLU A 76 -9.67 5.09 2.41
C GLU A 76 -8.25 5.56 2.68
N CYS A 77 -8.10 6.87 2.93
CA CYS A 77 -6.79 7.47 3.24
C CYS A 77 -6.84 8.07 4.61
N ILE A 78 -5.67 8.09 5.29
CA ILE A 78 -5.47 8.82 6.55
C ILE A 78 -4.80 10.11 6.15
N VAL A 79 -5.38 11.25 6.54
CA VAL A 79 -4.84 12.55 6.16
C VAL A 79 -3.87 13.02 7.31
N LEU A 80 -2.65 13.34 6.93
CA LEU A 80 -1.56 13.60 7.87
C LEU A 80 -0.99 14.94 7.47
N VAL A 81 -0.24 15.56 8.35
CA VAL A 81 0.35 16.86 8.05
C VAL A 81 1.82 16.82 8.34
N LYS A 82 2.58 17.64 7.65
CA LYS A 82 4.06 17.74 7.73
C LYS A 82 4.40 19.19 8.02
N GLN A 83 5.20 19.43 9.06
CA GLN A 83 5.46 20.74 9.57
C GLN A 83 6.82 20.76 10.16
N PHE A 84 7.45 21.93 10.15
CA PHE A 84 8.66 22.09 10.91
C PHE A 84 8.28 22.28 12.37
N ARG A 85 8.96 21.55 13.22
CA ARG A 85 8.76 21.60 14.65
C ARG A 85 10.04 22.08 15.33
N PRO A 86 10.01 23.30 15.85
CA PRO A 86 11.24 23.82 16.43
C PRO A 86 11.89 22.95 17.54
N PRO A 87 11.11 22.36 18.46
CA PRO A 87 11.69 21.48 19.51
C PRO A 87 12.51 20.32 18.99
N MET A 88 12.04 19.75 17.89
CA MET A 88 12.70 18.70 17.17
C MET A 88 13.85 19.15 16.26
N GLY A 89 13.98 20.44 15.92
CA GLY A 89 14.97 20.82 14.86
C GLY A 89 14.73 20.21 13.46
N GLY A 90 13.48 20.06 13.02
CA GLY A 90 13.21 19.31 11.82
C GLY A 90 11.71 19.17 11.52
N TYR A 91 11.45 18.50 10.41
CA TYR A 91 10.09 18.25 9.93
C TYR A 91 9.52 16.99 10.54
N CYS A 92 8.24 17.05 10.89
CA CYS A 92 7.56 15.92 11.54
C CYS A 92 6.30 15.60 10.80
N ILE A 93 5.93 14.30 10.74
CA ILE A 93 4.66 13.88 10.14
C ILE A 93 3.71 13.48 11.24
N GLU A 94 2.55 14.15 11.30
CA GLU A 94 1.62 14.04 12.42
C GLU A 94 0.15 14.04 11.97
N PHE A 95 -0.72 13.52 12.85
CA PHE A 95 -2.15 13.84 12.79
C PHE A 95 -2.32 15.34 12.93
N PRO A 96 -3.21 15.96 12.12
CA PRO A 96 -3.61 17.33 12.35
C PRO A 96 -4.06 17.55 13.82
N ALA A 97 -3.70 18.68 14.35
CA ALA A 97 -3.75 18.92 15.78
C ALA A 97 -3.60 20.35 16.14
N GLY A 98 -4.19 20.73 17.28
CA GLY A 98 -4.00 22.06 17.85
C GLY A 98 -4.58 22.13 19.22
N LEU A 99 -4.30 23.26 19.87
CA LEU A 99 -4.83 23.50 21.18
C LEU A 99 -6.33 23.82 21.14
N ILE A 100 -7.03 23.48 22.19
CA ILE A 100 -8.45 23.75 22.25
C ILE A 100 -8.63 25.19 22.73
N ASP A 101 -9.41 26.02 22.03
CA ASP A 101 -9.56 27.45 22.48
C ASP A 101 -10.39 27.45 23.76
N ASP A 102 -10.32 28.52 24.58
CA ASP A 102 -11.14 28.63 25.82
C ASP A 102 -12.61 28.57 25.40
N GLY A 103 -13.40 27.71 26.02
CA GLY A 103 -14.82 27.64 25.75
C GLY A 103 -15.15 26.75 24.57
N GLU A 104 -14.14 26.26 23.88
CA GLU A 104 -14.38 25.51 22.69
C GLU A 104 -14.53 24.03 23.10
N THR A 105 -15.35 23.29 22.39
CA THR A 105 -15.47 21.84 22.60
C THR A 105 -14.31 21.07 21.86
N PRO A 106 -13.94 19.88 22.37
CA PRO A 106 -12.90 19.10 21.65
C PRO A 106 -13.34 18.81 20.21
N GLU A 107 -14.60 18.47 20.02
CA GLU A 107 -15.15 18.24 18.67
C GLU A 107 -15.03 19.44 17.75
N ALA A 108 -15.37 20.62 18.23
CA ALA A 108 -15.28 21.83 17.43
C ALA A 108 -13.80 22.18 17.14
N ALA A 109 -12.91 22.01 18.14
CA ALA A 109 -11.49 22.27 17.97
C ALA A 109 -10.96 21.31 16.91
N ALA A 110 -11.33 20.04 16.95
CA ALA A 110 -10.88 19.03 15.93
C ALA A 110 -11.29 19.38 14.54
N LEU A 111 -12.57 19.65 14.35
CA LEU A 111 -13.05 20.05 13.00
C LEU A 111 -12.44 21.35 12.56
N ARG A 112 -12.24 22.28 13.48
CA ARG A 112 -11.66 23.59 13.10
C ARG A 112 -10.20 23.44 12.67
N GLU A 113 -9.41 22.82 13.53
CA GLU A 113 -8.01 22.52 13.20
C GLU A 113 -7.84 21.69 11.94
N LEU A 114 -8.64 20.65 11.74
CA LEU A 114 -8.56 19.87 10.48
C LEU A 114 -8.78 20.77 9.26
N GLU A 115 -9.77 21.65 9.30
CA GLU A 115 -10.03 22.56 8.16
C GLU A 115 -8.91 23.59 7.99
N GLU A 116 -8.44 24.20 9.07
CA GLU A 116 -7.31 25.14 8.98
C GLU A 116 -6.02 24.51 8.43
N GLU A 117 -5.70 23.31 8.88
CA GLU A 117 -4.43 22.66 8.53
C GLU A 117 -4.48 21.89 7.22
N THR A 118 -5.66 21.45 6.81
CA THR A 118 -5.78 20.67 5.59
C THR A 118 -6.72 21.18 4.54
N GLY A 119 -7.61 22.10 4.86
CA GLY A 119 -8.69 22.39 3.90
C GLY A 119 -9.96 21.53 4.00
N TYR A 120 -9.86 20.33 4.55
CA TYR A 120 -11.00 19.47 4.56
C TYR A 120 -12.02 19.80 5.64
N LYS A 121 -13.29 19.64 5.25
CA LYS A 121 -14.40 19.71 6.15
C LYS A 121 -14.86 18.34 6.53
N GLY A 122 -14.65 17.97 7.76
CA GLY A 122 -14.97 16.64 8.19
C GLY A 122 -16.28 16.48 8.90
N ASP A 123 -16.61 15.26 9.25
CA ASP A 123 -17.82 14.92 10.08
C ASP A 123 -17.32 14.11 11.27
N ILE A 124 -17.74 14.47 12.47
CA ILE A 124 -17.33 13.79 13.67
C ILE A 124 -17.78 12.32 13.63
N ALA A 125 -16.88 11.41 14.02
CA ALA A 125 -17.22 10.00 14.21
C ALA A 125 -17.14 9.65 15.62
N GLU A 126 -16.03 10.00 16.29
CA GLU A 126 -15.87 9.65 17.71
C GLU A 126 -14.84 10.52 18.37
N CYS A 127 -14.86 10.53 19.68
CA CYS A 127 -14.02 11.44 20.46
C CYS A 127 -13.59 10.75 21.70
N SER A 128 -12.29 10.67 21.92
CA SER A 128 -11.76 9.95 23.05
C SER A 128 -11.91 10.74 24.33
N PRO A 129 -11.79 10.05 25.46
CA PRO A 129 -11.42 10.82 26.67
C PRO A 129 -10.05 11.46 26.52
N ALA A 130 -9.75 12.36 27.44
CA ALA A 130 -8.47 13.00 27.53
C ALA A 130 -7.38 11.94 27.75
N VAL A 131 -6.39 11.97 26.87
CA VAL A 131 -5.28 10.99 26.93
C VAL A 131 -3.92 11.70 27.07
N CYS A 132 -2.98 11.10 27.79
CA CYS A 132 -1.72 11.77 28.13
C CYS A 132 -0.70 11.61 27.01
N MET A 133 -0.03 12.71 26.73
CA MET A 133 0.99 12.81 25.69
C MET A 133 2.33 12.17 26.08
N ASP A 134 2.79 12.38 27.31
CA ASP A 134 4.11 11.88 27.71
C ASP A 134 4.18 12.03 29.20
N PRO A 135 3.50 11.10 29.92
CA PRO A 135 3.12 11.34 31.29
C PRO A 135 4.26 11.25 32.27
N GLY A 136 5.37 10.65 31.89
CA GLY A 136 6.58 10.74 32.70
C GLY A 136 7.22 12.11 32.68
N LEU A 137 6.90 12.92 31.67
CA LEU A 137 7.47 14.24 31.44
C LEU A 137 6.49 15.39 31.79
N SER A 138 5.29 15.33 31.24
CA SER A 138 4.34 16.46 31.30
C SER A 138 2.94 16.03 31.68
N ASN A 139 2.12 17.02 31.97
CA ASN A 139 0.74 16.76 32.26
C ASN A 139 -0.07 16.94 30.98
N CYS A 140 0.55 17.14 29.83
CA CYS A 140 -0.20 17.41 28.61
C CYS A 140 -1.14 16.27 28.20
N THR A 141 -2.33 16.68 27.78
CA THR A 141 -3.35 15.78 27.35
C THR A 141 -4.02 16.34 26.09
N ILE A 142 -4.59 15.39 25.34
CA ILE A 142 -5.42 15.66 24.17
C ILE A 142 -6.65 14.84 24.15
N HIS A 143 -7.65 15.26 23.35
CA HIS A 143 -8.66 14.30 22.88
C HIS A 143 -8.26 13.89 21.50
N ILE A 144 -8.32 12.61 21.25
CA ILE A 144 -8.15 12.07 19.93
C ILE A 144 -9.51 12.00 19.26
N VAL A 145 -9.67 12.77 18.21
CA VAL A 145 -11.01 12.82 17.57
C VAL A 145 -10.96 12.23 16.22
N THR A 146 -11.70 11.15 16.02
CA THR A 146 -11.85 10.51 14.71
C THR A 146 -12.96 11.23 13.93
N VAL A 147 -12.66 11.57 12.69
CA VAL A 147 -13.50 12.35 11.82
C VAL A 147 -13.44 11.68 10.43
N THR A 148 -14.58 11.57 9.74
CA THR A 148 -14.61 11.09 8.36
C THR A 148 -14.71 12.32 7.47
N ILE A 149 -14.02 12.31 6.34
CA ILE A 149 -14.10 13.33 5.33
C ILE A 149 -14.76 12.68 4.07
N ASN A 150 -15.84 13.31 3.60
CA ASN A 150 -16.53 12.88 2.38
C ASN A 150 -15.79 13.60 1.28
N GLY A 151 -14.86 12.86 0.66
CA GLY A 151 -14.08 13.41 -0.44
C GLY A 151 -14.87 13.50 -1.75
N ASP A 152 -16.08 12.91 -1.80
CA ASP A 152 -17.04 13.17 -2.94
C ASP A 152 -17.80 14.50 -2.84
N ASP A 153 -17.90 15.10 -1.64
CA ASP A 153 -18.56 16.41 -1.52
C ASP A 153 -17.74 17.48 -2.24
N ALA A 154 -18.42 18.38 -2.96
CA ALA A 154 -17.77 19.48 -3.69
C ALA A 154 -16.94 20.38 -2.74
N GLU A 155 -17.43 20.53 -1.50
CA GLU A 155 -16.70 21.27 -0.45
C GLU A 155 -15.27 20.72 -0.26
N ASN A 156 -15.07 19.43 -0.50
CA ASN A 156 -13.79 18.78 -0.24
C ASN A 156 -13.04 18.44 -1.51
N ALA A 157 -13.38 19.15 -2.60
CA ALA A 157 -12.85 18.83 -3.92
C ALA A 157 -11.48 19.46 -4.05
N ARG A 158 -11.40 20.78 -3.92
CA ARG A 158 -10.13 21.52 -4.01
C ARG A 158 -9.83 22.13 -2.62
N PRO A 159 -9.42 21.30 -1.64
CA PRO A 159 -9.26 21.77 -0.26
C PRO A 159 -8.04 22.71 -0.07
N LYS A 160 -8.30 23.96 0.32
CA LYS A 160 -7.24 24.97 0.57
C LYS A 160 -6.94 25.14 2.09
N PRO A 161 -5.75 24.70 2.55
CA PRO A 161 -5.31 25.05 3.93
C PRO A 161 -5.43 26.54 4.24
N LYS A 162 -6.00 26.88 5.40
CA LYS A 162 -6.00 28.26 5.96
C LYS A 162 -5.16 28.28 7.22
N PRO A 163 -3.84 28.12 7.08
CA PRO A 163 -3.05 28.19 8.31
C PRO A 163 -3.03 29.62 8.90
N GLY A 164 -2.92 29.70 10.23
CA GLY A 164 -2.79 30.98 10.93
C GLY A 164 -1.40 31.60 10.77
N ASP A 165 -1.14 32.64 11.55
CA ASP A 165 0.15 33.36 11.52
C ASP A 165 1.29 32.42 11.95
N GLY A 166 2.33 32.30 11.13
CA GLY A 166 3.45 31.42 11.46
C GLY A 166 3.14 29.91 11.40
N GLU A 167 2.07 29.55 10.68
CA GLU A 167 1.65 28.16 10.48
C GLU A 167 1.94 27.82 9.03
N PHE A 168 2.64 26.70 8.81
CA PHE A 168 3.07 26.28 7.50
C PHE A 168 3.04 24.77 7.39
N VAL A 169 1.98 24.26 6.78
CA VAL A 169 1.67 22.86 6.84
C VAL A 169 1.54 22.26 5.45
N GLU A 170 2.08 21.06 5.25
CA GLU A 170 1.91 20.31 4.00
C GLU A 170 0.99 19.13 4.32
N VAL A 171 0.03 18.84 3.43
CA VAL A 171 -0.91 17.73 3.60
C VAL A 171 -0.40 16.48 2.92
N ILE A 172 -0.47 15.35 3.60
CA ILE A 172 -0.05 14.08 3.03
C ILE A 172 -1.09 13.02 3.36
N SER A 173 -1.79 12.54 2.33
CA SER A 173 -2.77 11.46 2.51
C SER A 173 -2.24 10.16 2.06
N LEU A 174 -2.36 9.15 2.89
CA LEU A 174 -1.78 7.86 2.66
C LEU A 174 -2.85 6.83 2.84
N PRO A 175 -2.84 5.76 1.99
CA PRO A 175 -3.83 4.76 2.08
C PRO A 175 -3.76 4.05 3.37
N LYS A 176 -4.91 3.92 4.01
CA LYS A 176 -5.00 3.19 5.26
C LYS A 176 -4.46 1.76 5.18
N ASN A 177 -4.76 1.10 4.05
CA ASN A 177 -4.41 -0.29 3.84
C ASN A 177 -2.91 -0.48 3.65
N ASP A 178 -2.12 0.58 3.55
CA ASP A 178 -0.66 0.43 3.42
C ASP A 178 0.10 1.46 4.27
N LEU A 179 -0.50 1.91 5.37
CA LEU A 179 -0.03 3.15 5.96
C LEU A 179 1.45 3.05 6.48
N LEU A 180 1.70 2.00 7.22
CA LEU A 180 3.00 1.78 7.82
C LEU A 180 4.10 1.70 6.75
N GLN A 181 3.88 0.98 5.64
CA GLN A 181 4.91 0.96 4.58
C GLN A 181 5.08 2.30 3.92
N ARG A 182 4.00 3.03 3.79
CA ARG A 182 4.11 4.34 3.18
C ARG A 182 4.82 5.38 4.02
N LEU A 183 4.55 5.36 5.33
CA LEU A 183 5.39 6.09 6.30
C LEU A 183 6.89 5.66 6.28
N ASP A 184 7.13 4.36 6.31
CA ASP A 184 8.53 3.82 6.16
C ASP A 184 9.13 4.35 4.84
N ALA A 185 8.39 4.40 3.76
CA ALA A 185 8.96 4.93 2.53
C ALA A 185 9.31 6.42 2.61
N LEU A 186 8.45 7.23 3.24
CA LEU A 186 8.82 8.63 3.40
C LEU A 186 10.01 8.89 4.32
N VAL A 187 10.17 8.09 5.36
CA VAL A 187 11.30 8.23 6.29
C VAL A 187 12.60 7.80 5.59
N ALA A 188 12.51 6.78 4.73
CA ALA A 188 13.64 6.40 3.90
C ALA A 188 14.14 7.51 2.93
N GLU A 189 13.20 8.22 2.29
CA GLU A 189 13.50 9.11 1.15
C GLU A 189 13.60 10.59 1.52
N GLU A 190 12.88 11.01 2.57
CA GLU A 190 12.84 12.43 2.94
C GLU A 190 13.41 12.72 4.34
N HIS A 191 13.84 11.68 5.04
CA HIS A 191 14.42 11.82 6.37
C HIS A 191 13.73 12.88 7.27
N LEU A 192 12.59 12.49 7.84
CA LEU A 192 11.88 13.33 8.80
C LEU A 192 11.63 12.50 10.08
N THR A 193 10.73 12.93 10.97
CA THR A 193 10.31 12.07 12.07
C THR A 193 8.79 11.81 12.00
N VAL A 194 8.38 10.57 12.19
CA VAL A 194 6.97 10.27 12.29
C VAL A 194 6.59 10.40 13.75
N ASP A 195 5.42 10.94 14.02
CA ASP A 195 4.88 11.00 15.36
C ASP A 195 4.53 9.66 15.92
N ALA A 196 4.80 9.50 17.21
CA ALA A 196 4.53 8.21 17.85
C ALA A 196 3.08 7.65 17.82
N ARG A 197 2.14 8.55 17.84
CA ARG A 197 0.70 8.19 17.72
C ARG A 197 0.38 7.77 16.31
N VAL A 198 0.89 8.52 15.33
CA VAL A 198 0.73 8.08 13.97
C VAL A 198 1.33 6.71 13.77
N TYR A 199 2.51 6.47 14.35
CA TYR A 199 3.20 5.21 14.13
C TYR A 199 2.46 4.08 14.82
N SER A 200 1.96 4.36 16.01
CA SER A 200 1.19 3.38 16.78
C SER A 200 -0.08 2.92 16.06
N TYR A 201 -0.77 3.89 15.49
CA TYR A 201 -1.98 3.65 14.69
C TYR A 201 -1.63 2.78 13.47
N ALA A 202 -0.63 3.17 12.71
CA ALA A 202 -0.13 2.34 11.60
C ALA A 202 0.31 0.92 11.95
N LEU A 203 1.02 0.75 13.04
CA LEU A 203 1.34 -0.59 13.50
C LEU A 203 0.09 -1.39 13.77
N ALA A 204 -0.88 -0.82 14.51
CA ALA A 204 -2.11 -1.57 14.81
C ALA A 204 -2.87 -1.91 13.51
N LEU A 205 -2.84 -1.07 12.48
CA LEU A 205 -3.52 -1.37 11.24
C LEU A 205 -2.86 -2.65 10.66
N LYS A 206 -1.52 -2.70 10.65
CA LYS A 206 -0.80 -3.95 10.31
C LYS A 206 -1.16 -5.11 11.21
N HIS A 207 -1.11 -4.93 12.51
CA HIS A 207 -1.33 -6.06 13.41
C HIS A 207 -2.77 -6.62 13.39
N ALA A 208 -3.77 -5.84 12.99
CA ALA A 208 -5.13 -6.34 13.14
C ALA A 208 -5.40 -7.61 12.27
N LYS B 15 13.98 24.45 4.10
CA LYS B 15 13.46 25.86 4.07
C LYS B 15 13.44 26.46 5.47
N GLN B 16 12.96 25.73 6.49
CA GLN B 16 13.04 26.21 7.89
C GLN B 16 14.16 25.50 8.64
N TYR B 17 14.71 26.15 9.65
CA TYR B 17 15.83 25.60 10.37
C TYR B 17 16.10 26.34 11.69
N ILE B 18 16.91 25.74 12.54
CA ILE B 18 17.24 26.30 13.84
C ILE B 18 18.38 27.31 13.63
N ILE B 19 18.25 28.50 14.19
CA ILE B 19 19.34 29.46 14.22
C ILE B 19 20.15 29.30 15.52
N SER B 20 19.49 29.45 16.66
CA SER B 20 20.13 29.27 17.96
C SER B 20 19.18 28.76 19.03
N GLU B 21 19.79 28.29 20.11
CA GLU B 21 19.08 27.82 21.27
C GLU B 21 19.64 28.53 22.49
N GLU B 22 18.76 29.01 23.35
CA GLU B 22 19.12 29.68 24.59
C GLU B 22 18.60 28.86 25.76
N LEU B 23 19.49 28.36 26.59
CA LEU B 23 19.05 27.78 27.88
C LEU B 23 18.20 28.72 28.77
N ILE B 24 17.01 28.27 29.18
CA ILE B 24 16.19 29.05 30.14
C ILE B 24 16.36 28.45 31.51
N SER B 25 16.37 27.13 31.63
CA SER B 25 16.34 26.51 32.96
C SER B 25 16.69 25.04 32.80
N GLU B 26 17.62 24.53 33.60
CA GLU B 26 18.10 23.16 33.51
C GLU B 26 17.95 22.49 34.85
N GLY B 27 17.10 21.48 34.96
CA GLY B 27 17.04 20.65 36.15
C GLY B 27 17.98 19.46 36.03
N LYS B 28 17.79 18.49 36.91
CA LYS B 28 18.52 17.25 36.80
C LYS B 28 18.07 16.37 35.62
N TRP B 29 16.79 16.47 35.24
CA TRP B 29 16.16 15.57 34.27
C TRP B 29 15.61 16.24 33.01
N VAL B 30 15.26 17.52 33.11
CA VAL B 30 14.53 18.22 32.06
C VAL B 30 15.09 19.62 32.05
N LYS B 31 15.19 20.20 30.86
CA LYS B 31 15.49 21.60 30.64
C LYS B 31 14.52 22.26 29.65
N LEU B 32 14.42 23.58 29.77
CA LEU B 32 13.53 24.43 29.00
C LEU B 32 14.39 25.40 28.26
N GLU B 33 14.21 25.45 26.95
CA GLU B 33 15.07 26.26 26.06
C GLU B 33 14.20 27.18 25.26
N LYS B 34 14.77 28.27 24.78
CA LYS B 34 14.04 29.13 23.85
C LYS B 34 14.76 29.00 22.54
N THR B 35 14.06 28.52 21.52
CA THR B 35 14.62 28.18 20.24
C THR B 35 14.36 29.29 19.26
N THR B 36 15.42 29.81 18.66
CA THR B 36 15.27 30.73 17.54
C THR B 36 15.34 29.98 16.18
N TYR B 37 14.39 30.28 15.30
CA TYR B 37 14.28 29.61 14.01
C TYR B 37 13.76 30.52 12.91
N MET B 38 14.06 30.09 11.70
CA MET B 38 13.73 30.85 10.51
C MET B 38 12.46 30.28 9.95
N ASP B 39 11.45 31.12 9.84
CA ASP B 39 10.18 30.66 9.34
C ASP B 39 10.32 30.68 7.82
N PRO B 40 9.43 30.01 7.11
CA PRO B 40 9.65 29.85 5.67
C PRO B 40 9.40 31.11 4.82
N THR B 41 8.95 32.21 5.43
CA THR B 41 9.00 33.53 4.78
C THR B 41 10.38 34.22 4.86
N GLY B 42 11.30 33.74 5.70
CA GLY B 42 12.55 34.49 5.99
C GLY B 42 12.41 35.40 7.22
N LYS B 43 11.32 35.22 7.98
CA LYS B 43 11.14 35.88 9.27
C LYS B 43 11.66 34.98 10.39
N THR B 44 12.36 35.62 11.31
CA THR B 44 12.96 35.00 12.50
C THR B 44 11.93 34.87 13.61
N ARG B 45 11.87 33.71 14.28
CA ARG B 45 10.80 33.42 15.27
C ARG B 45 11.36 32.59 16.39
N THR B 46 10.68 32.62 17.56
CA THR B 46 11.12 31.92 18.74
C THR B 46 10.08 30.85 19.23
N TRP B 47 10.56 29.84 19.92
CA TRP B 47 9.73 28.70 20.37
C TRP B 47 10.20 28.24 21.73
N GLU B 48 9.30 27.98 22.65
CA GLU B 48 9.76 27.44 23.94
C GLU B 48 9.68 25.92 23.78
N SER B 49 10.78 25.25 24.04
CA SER B 49 10.98 23.82 23.79
C SER B 49 11.52 23.16 25.06
N VAL B 50 11.17 21.90 25.28
CA VAL B 50 11.66 21.16 26.41
C VAL B 50 12.49 20.04 25.89
N LYS B 51 13.57 19.71 26.62
CA LYS B 51 14.40 18.55 26.30
C LYS B 51 14.73 17.79 27.58
N ARG B 52 15.00 16.49 27.45
CA ARG B 52 15.57 15.76 28.57
C ARG B 52 17.06 16.04 28.64
N THR B 53 17.64 15.93 29.82
CA THR B 53 19.07 16.09 30.02
C THR B 53 19.79 14.74 29.88
N THR B 54 19.06 13.65 29.70
CA THR B 54 19.59 12.30 29.81
C THR B 54 20.06 11.69 28.47
N ARG B 55 19.78 12.34 27.35
CA ARG B 55 20.00 11.69 26.07
C ARG B 55 21.48 11.71 25.67
N LYS B 56 21.95 10.63 25.00
CA LYS B 56 23.39 10.34 24.72
C LYS B 56 23.86 10.56 23.25
N GLN B 58 22.41 8.16 21.94
CA GLN B 58 21.33 7.22 21.73
C GLN B 58 20.61 7.49 20.43
N THR B 59 19.87 6.48 19.99
CA THR B 59 18.91 6.54 18.84
C THR B 59 17.68 7.36 19.17
N ALA B 60 17.45 7.59 20.46
CA ALA B 60 16.17 8.06 20.98
C ALA B 60 16.31 8.15 22.50
N ASP B 61 15.43 8.90 23.14
CA ASP B 61 15.47 8.93 24.60
C ASP B 61 15.08 7.56 25.18
N GLY B 62 14.04 6.95 24.61
CA GLY B 62 13.35 5.84 25.26
C GLY B 62 12.88 4.74 24.32
N VAL B 63 12.35 3.68 24.94
CA VAL B 63 11.54 2.69 24.24
C VAL B 63 10.17 2.62 24.87
N ALA B 64 9.18 2.26 24.05
CA ALA B 64 7.91 1.74 24.53
C ALA B 64 7.64 0.35 23.87
N VAL B 65 7.10 -0.55 24.63
CA VAL B 65 6.94 -1.91 24.18
C VAL B 65 5.48 -2.18 23.97
N ILE B 66 5.16 -2.64 22.78
CA ILE B 66 3.90 -3.28 22.52
C ILE B 66 3.99 -4.82 22.80
N PRO B 67 3.53 -5.30 23.99
CA PRO B 67 3.73 -6.68 24.35
C PRO B 67 2.48 -7.50 24.05
N VAL B 68 2.59 -8.36 23.04
CA VAL B 68 1.54 -9.21 22.59
C VAL B 68 1.70 -10.57 23.32
N LEU B 69 0.85 -10.79 24.30
CA LEU B 69 0.83 -12.01 25.09
C LEU B 69 -0.03 -13.08 24.41
N GLN B 70 0.65 -14.12 23.97
CA GLN B 70 0.04 -15.20 23.22
C GLN B 70 -0.01 -16.49 24.06
N ARG B 71 -1.21 -16.89 24.46
CA ARG B 71 -1.43 -18.19 25.09
C ARG B 71 -2.45 -18.97 24.24
N THR B 72 -2.14 -20.23 23.99
CA THR B 72 -3.06 -21.04 23.22
C THR B 72 -4.40 -21.21 23.96
N LEU B 73 -5.48 -21.28 23.17
CA LEU B 73 -6.85 -21.35 23.65
C LEU B 73 -7.31 -20.15 24.49
N HIS B 74 -6.64 -19.02 24.30
CA HIS B 74 -6.99 -17.78 24.99
C HIS B 74 -6.98 -16.68 23.97
N TYR B 75 -7.68 -15.59 24.26
CA TYR B 75 -7.52 -14.36 23.47
C TYR B 75 -6.13 -13.84 23.60
N GLU B 76 -5.62 -13.35 22.49
CA GLU B 76 -4.37 -12.63 22.48
C GLU B 76 -4.61 -11.34 23.28
N CYS B 77 -3.70 -11.07 24.23
CA CYS B 77 -3.73 -9.86 25.07
C CYS B 77 -2.56 -8.88 24.78
N ILE B 78 -2.82 -7.58 25.04
CA ILE B 78 -1.81 -6.60 25.03
C ILE B 78 -1.54 -6.35 26.47
N VAL B 79 -0.26 -6.35 26.81
CA VAL B 79 0.15 -6.17 28.23
C VAL B 79 0.46 -4.68 28.51
N LEU B 80 -0.17 -4.11 29.51
CA LEU B 80 -0.01 -2.69 29.82
C LEU B 80 0.29 -2.54 31.27
N VAL B 81 0.75 -1.37 31.64
CA VAL B 81 1.12 -1.09 33.00
C VAL B 81 0.35 0.14 33.49
N LYS B 82 0.08 0.18 34.78
CA LYS B 82 -0.58 1.27 35.47
C LYS B 82 0.39 1.72 36.58
N GLN B 83 0.62 3.03 36.64
CA GLN B 83 1.65 3.68 37.47
C GLN B 83 1.15 5.08 37.80
N PHE B 84 1.56 5.57 38.96
CA PHE B 84 1.26 6.95 39.35
C PHE B 84 2.24 7.81 38.56
N ARG B 85 1.76 8.87 37.91
CA ARG B 85 2.69 9.74 37.14
C ARG B 85 2.67 11.09 37.76
N PRO B 86 3.76 11.46 38.43
CA PRO B 86 3.68 12.77 39.10
C PRO B 86 3.32 13.98 38.22
N PRO B 87 3.85 14.06 37.01
CA PRO B 87 3.42 15.21 36.19
C PRO B 87 1.92 15.20 35.97
N MET B 88 1.30 14.03 35.88
CA MET B 88 -0.13 13.97 35.67
C MET B 88 -0.93 14.12 36.95
N GLY B 89 -0.34 13.95 38.10
CA GLY B 89 -1.09 13.98 39.36
C GLY B 89 -2.05 12.80 39.55
N GLY B 90 -1.84 11.72 38.80
CA GLY B 90 -2.73 10.58 38.84
C GLY B 90 -2.12 9.32 38.24
N TYR B 91 -2.97 8.31 38.16
CA TYR B 91 -2.57 7.03 37.59
C TYR B 91 -2.84 7.01 36.08
N CYS B 92 -1.89 6.48 35.32
CA CYS B 92 -1.95 6.31 33.89
C CYS B 92 -1.80 4.88 33.45
N ILE B 93 -2.46 4.53 32.36
CA ILE B 93 -2.27 3.24 31.73
C ILE B 93 -1.45 3.41 30.47
N GLU B 94 -0.37 2.64 30.38
CA GLU B 94 0.68 2.84 29.37
C GLU B 94 1.28 1.54 28.84
N PHE B 95 1.94 1.61 27.69
CA PHE B 95 2.78 0.51 27.23
C PHE B 95 3.98 0.47 28.17
N PRO B 96 4.47 -0.71 28.54
CA PRO B 96 5.75 -0.76 29.28
C PRO B 96 6.81 0.05 28.55
N ALA B 97 7.63 0.80 29.29
CA ALA B 97 8.52 1.76 28.70
C ALA B 97 9.59 2.25 29.64
N GLY B 98 10.71 2.59 29.06
CA GLY B 98 11.72 3.33 29.75
C GLY B 98 12.82 3.91 28.83
N LEU B 99 13.71 4.66 29.49
CA LEU B 99 14.87 5.26 28.82
C LEU B 99 15.85 4.15 28.48
N ILE B 100 16.50 4.33 27.34
CA ILE B 100 17.51 3.43 26.83
C ILE B 100 18.82 3.74 27.61
N ASP B 101 19.44 2.75 28.26
CA ASP B 101 20.78 2.95 28.90
C ASP B 101 21.85 3.36 27.88
N ASP B 102 22.81 4.19 28.30
CA ASP B 102 24.00 4.52 27.46
C ASP B 102 24.67 3.22 26.95
N GLY B 103 24.80 3.10 25.64
CA GLY B 103 25.27 1.89 25.01
C GLY B 103 24.32 0.68 25.01
N GLU B 104 23.02 0.90 25.22
CA GLU B 104 22.02 -0.18 25.03
C GLU B 104 21.38 -0.04 23.67
N THR B 105 21.13 -1.13 23.00
CA THR B 105 20.30 -1.10 21.80
C THR B 105 18.80 -0.90 22.17
N PRO B 106 17.99 -0.35 21.23
CA PRO B 106 16.53 -0.25 21.48
C PRO B 106 15.87 -1.59 21.73
N GLU B 107 16.23 -2.59 20.93
CA GLU B 107 15.73 -3.95 21.20
C GLU B 107 15.99 -4.47 22.60
N ALA B 108 17.19 -4.21 23.14
CA ALA B 108 17.58 -4.82 24.39
C ALA B 108 16.95 -4.06 25.51
N ALA B 109 16.79 -2.74 25.30
CA ALA B 109 16.12 -1.86 26.27
C ALA B 109 14.69 -2.29 26.44
N ALA B 110 14.08 -2.69 25.33
CA ALA B 110 12.69 -3.19 25.28
C ALA B 110 12.47 -4.47 26.08
N LEU B 111 13.30 -5.48 25.81
CA LEU B 111 13.19 -6.73 26.56
C LEU B 111 13.47 -6.52 28.01
N ARG B 112 14.45 -5.68 28.31
CA ARG B 112 14.83 -5.43 29.68
C ARG B 112 13.69 -4.65 30.36
N GLU B 113 13.21 -3.57 29.74
CA GLU B 113 12.10 -2.81 30.38
C GLU B 113 10.85 -3.66 30.55
N LEU B 114 10.54 -4.48 29.57
CA LEU B 114 9.39 -5.39 29.69
C LEU B 114 9.53 -6.37 30.86
N GLU B 115 10.71 -6.92 31.02
CA GLU B 115 10.93 -7.83 32.16
C GLU B 115 10.84 -7.12 33.46
N GLU B 116 11.45 -5.95 33.60
CA GLU B 116 11.39 -5.23 34.87
C GLU B 116 9.98 -4.81 35.28
N GLU B 117 9.22 -4.32 34.30
CA GLU B 117 7.91 -3.74 34.60
C GLU B 117 6.83 -4.80 34.65
N THR B 118 6.97 -5.86 33.85
CA THR B 118 5.92 -6.91 33.81
C THR B 118 6.36 -8.33 34.29
N GLY B 119 7.68 -8.58 34.34
CA GLY B 119 8.20 -9.95 34.53
C GLY B 119 8.19 -10.83 33.30
N TYR B 120 7.55 -10.42 32.19
CA TYR B 120 7.50 -11.27 31.02
C TYR B 120 8.81 -11.26 30.25
N LYS B 121 9.11 -12.41 29.66
CA LYS B 121 10.29 -12.60 28.81
C LYS B 121 9.79 -12.80 27.41
N GLY B 122 10.24 -11.94 26.50
CA GLY B 122 9.63 -11.81 25.20
C GLY B 122 10.64 -11.87 24.08
N ASP B 123 10.12 -11.84 22.87
CA ASP B 123 10.86 -11.93 21.65
C ASP B 123 10.53 -10.74 20.81
N ILE B 124 11.55 -10.13 20.20
CA ILE B 124 11.36 -9.00 19.29
C ILE B 124 10.65 -9.45 18.01
N ALA B 125 9.56 -8.76 17.63
CA ALA B 125 8.96 -8.92 16.30
C ALA B 125 9.46 -7.85 15.33
N GLU B 126 9.44 -6.59 15.74
CA GLU B 126 9.87 -5.50 14.90
C GLU B 126 10.17 -4.29 15.79
N CYS B 127 10.85 -3.28 15.21
CA CYS B 127 11.31 -2.12 15.98
C CYS B 127 11.14 -0.91 15.11
N SER B 128 10.51 0.14 15.61
CA SER B 128 10.33 1.36 14.78
C SER B 128 11.62 2.20 14.65
N PRO B 129 11.72 3.06 13.64
CA PRO B 129 12.64 4.18 13.84
C PRO B 129 12.23 5.13 14.98
N ALA B 130 13.10 6.09 15.26
CA ALA B 130 12.86 6.97 16.43
C ALA B 130 11.59 7.78 16.06
N VAL B 131 10.59 7.80 16.94
CA VAL B 131 9.33 8.55 16.70
C VAL B 131 9.15 9.61 17.77
N CYS B 132 8.55 10.73 17.41
CA CYS B 132 8.41 11.78 18.40
C CYS B 132 7.22 11.62 19.36
N MET B 133 7.42 12.04 20.58
CA MET B 133 6.40 11.96 21.59
C MET B 133 5.43 13.16 21.61
N ASP B 134 5.94 14.38 21.49
CA ASP B 134 5.08 15.58 21.50
C ASP B 134 5.88 16.72 20.84
N PRO B 135 5.93 16.74 19.50
CA PRO B 135 7.01 17.52 18.84
C PRO B 135 6.79 19.05 18.90
N GLY B 136 5.56 19.49 19.22
CA GLY B 136 5.24 20.89 19.51
C GLY B 136 5.78 21.35 20.86
N LEU B 137 6.09 20.40 21.73
CA LEU B 137 6.54 20.73 23.07
C LEU B 137 7.95 20.37 23.33
N SER B 138 8.37 19.17 22.91
CA SER B 138 9.66 18.59 23.30
C SER B 138 10.37 17.95 22.15
N ASN B 139 11.62 17.64 22.34
CA ASN B 139 12.35 16.80 21.36
C ASN B 139 12.35 15.33 21.68
N CYS B 140 11.54 14.89 22.66
CA CYS B 140 11.59 13.52 23.09
C CYS B 140 11.17 12.55 22.02
N THR B 141 11.96 11.48 21.92
CA THR B 141 11.68 10.45 20.96
C THR B 141 11.80 9.06 21.61
N ILE B 142 11.18 8.07 20.94
CA ILE B 142 11.23 6.68 21.37
C ILE B 142 11.28 5.75 20.20
N HIS B 143 11.66 4.51 20.46
CA HIS B 143 11.46 3.44 19.49
C HIS B 143 10.29 2.66 20.04
N ILE B 144 9.29 2.42 19.22
CA ILE B 144 8.22 1.53 19.57
C ILE B 144 8.65 0.12 19.14
N VAL B 145 8.64 -0.82 20.08
CA VAL B 145 9.17 -2.13 19.86
C VAL B 145 8.06 -3.14 20.09
N THR B 146 7.65 -3.82 19.02
CA THR B 146 6.65 -4.85 19.07
C THR B 146 7.34 -6.13 19.53
N VAL B 147 6.77 -6.74 20.56
CA VAL B 147 7.36 -7.92 21.17
C VAL B 147 6.24 -8.91 21.39
N THR B 148 6.46 -10.18 21.02
CA THR B 148 5.55 -11.26 21.42
C THR B 148 6.01 -11.95 22.69
N ILE B 149 5.08 -12.40 23.49
CA ILE B 149 5.39 -13.16 24.69
C ILE B 149 4.73 -14.53 24.59
N ASN B 150 5.56 -15.58 24.62
CA ASN B 150 5.03 -16.93 24.62
C ASN B 150 4.54 -17.26 25.99
N GLY B 151 3.24 -17.08 26.20
CA GLY B 151 2.63 -17.25 27.50
C GLY B 151 2.55 -18.70 27.98
N ASP B 152 2.83 -19.67 27.10
CA ASP B 152 2.81 -21.08 27.48
C ASP B 152 4.17 -21.61 27.95
N ASP B 153 5.21 -20.79 27.84
CA ASP B 153 6.58 -21.12 28.26
C ASP B 153 6.61 -21.05 29.76
N ALA B 154 7.41 -21.92 30.38
CA ALA B 154 7.53 -21.96 31.82
C ALA B 154 8.09 -20.65 32.38
N GLU B 155 8.97 -19.98 31.65
CA GLU B 155 9.57 -18.73 32.18
C GLU B 155 8.52 -17.62 32.37
N ASN B 156 7.44 -17.67 31.60
CA ASN B 156 6.34 -16.71 31.66
C ASN B 156 5.16 -17.24 32.41
N ALA B 157 5.33 -18.32 33.18
CA ALA B 157 4.22 -18.86 33.95
C ALA B 157 3.83 -17.98 35.14
N ARG B 158 4.80 -17.68 36.01
CA ARG B 158 4.53 -16.85 37.20
C ARG B 158 5.48 -15.66 37.08
N PRO B 159 5.09 -14.67 36.25
CA PRO B 159 6.09 -13.68 35.83
C PRO B 159 6.62 -12.80 36.99
N LYS B 160 7.95 -12.60 37.05
CA LYS B 160 8.64 -11.85 38.13
C LYS B 160 8.92 -10.34 37.84
N PRO B 161 7.97 -9.40 38.19
CA PRO B 161 8.26 -7.96 37.90
C PRO B 161 9.41 -7.43 38.77
N LYS B 162 10.56 -7.11 38.16
CA LYS B 162 11.72 -6.50 38.89
C LYS B 162 11.78 -4.94 38.84
N PRO B 163 10.97 -4.25 39.65
CA PRO B 163 11.07 -2.79 39.62
C PRO B 163 12.48 -2.25 39.90
N GLY B 164 12.99 -1.33 39.07
CA GLY B 164 14.13 -0.48 39.50
C GLY B 164 13.80 0.36 40.77
N ASP B 165 14.73 1.20 41.21
CA ASP B 165 14.48 2.01 42.41
C ASP B 165 13.33 3.03 42.20
N GLY B 166 12.36 2.99 43.12
CA GLY B 166 11.23 3.89 43.10
C GLY B 166 10.23 3.71 41.96
N GLU B 167 10.17 2.52 41.37
CA GLU B 167 9.11 2.18 40.41
C GLU B 167 8.06 1.31 41.14
N PHE B 168 6.80 1.56 40.80
CA PHE B 168 5.66 0.90 41.42
C PHE B 168 4.60 0.69 40.30
N VAL B 169 4.60 -0.53 39.75
CA VAL B 169 3.92 -0.84 38.50
C VAL B 169 2.89 -1.94 38.72
N GLU B 170 1.65 -1.72 38.28
CA GLU B 170 0.61 -2.75 38.28
C GLU B 170 0.52 -3.18 36.82
N VAL B 171 0.32 -4.48 36.58
CA VAL B 171 0.27 -4.99 35.24
C VAL B 171 -1.20 -5.17 34.90
N ILE B 172 -1.61 -4.78 33.71
CA ILE B 172 -2.96 -5.00 33.24
C ILE B 172 -2.88 -5.56 31.82
N SER B 173 -3.37 -6.80 31.66
CA SER B 173 -3.49 -7.44 30.37
C SER B 173 -4.88 -7.38 29.80
N LEU B 174 -5.01 -6.95 28.57
CA LEU B 174 -6.29 -6.77 28.03
C LEU B 174 -6.39 -7.46 26.69
N PRO B 175 -7.55 -8.09 26.39
CA PRO B 175 -7.70 -8.73 25.09
C PRO B 175 -7.50 -7.78 23.93
N LYS B 176 -6.68 -8.16 22.99
CA LYS B 176 -6.39 -7.34 21.82
C LYS B 176 -7.67 -7.01 20.96
N ASN B 177 -8.56 -8.00 20.82
CA ASN B 177 -9.76 -7.86 19.95
C ASN B 177 -10.90 -6.97 20.50
N ASP B 178 -10.80 -6.57 21.77
CA ASP B 178 -11.75 -5.64 22.36
C ASP B 178 -11.02 -4.48 23.13
N LEU B 179 -9.79 -4.15 22.72
CA LEU B 179 -8.90 -3.30 23.54
C LEU B 179 -9.54 -1.95 23.76
N LEU B 180 -10.06 -1.29 22.72
CA LEU B 180 -10.61 0.05 22.88
C LEU B 180 -11.80 0.13 23.87
N GLN B 181 -12.77 -0.78 23.72
CA GLN B 181 -13.87 -0.92 24.71
C GLN B 181 -13.30 -1.23 26.10
N ARG B 182 -12.27 -2.04 26.20
CA ARG B 182 -11.79 -2.33 27.55
C ARG B 182 -11.12 -1.14 28.24
N LEU B 183 -10.42 -0.30 27.46
CA LEU B 183 -9.75 0.86 27.98
C LEU B 183 -10.74 1.93 28.39
N ASP B 184 -11.77 2.13 27.57
CA ASP B 184 -12.89 3.04 27.87
C ASP B 184 -13.56 2.63 29.17
N ALA B 185 -13.83 1.35 29.32
CA ALA B 185 -14.40 0.88 30.57
C ALA B 185 -13.55 1.27 31.77
N LEU B 186 -12.24 1.02 31.67
CA LEU B 186 -11.36 1.33 32.79
C LEU B 186 -11.34 2.80 33.11
N VAL B 187 -11.23 3.66 32.10
CA VAL B 187 -11.29 5.08 32.33
C VAL B 187 -12.62 5.45 33.02
N ALA B 188 -13.72 4.91 32.52
CA ALA B 188 -15.04 5.16 33.08
C ALA B 188 -15.11 4.73 34.55
N GLU B 189 -14.64 3.54 34.85
CA GLU B 189 -14.86 3.01 36.18
C GLU B 189 -13.78 3.49 37.15
N GLU B 190 -12.54 3.62 36.70
CA GLU B 190 -11.36 3.72 37.60
C GLU B 190 -10.66 5.11 37.68
N HIS B 191 -11.15 6.13 36.97
CA HIS B 191 -10.51 7.49 36.92
C HIS B 191 -8.99 7.47 36.62
N LEU B 192 -8.63 6.68 35.61
CA LEU B 192 -7.29 6.58 35.07
C LEU B 192 -7.21 7.42 33.78
N THR B 193 -6.00 7.83 33.41
CA THR B 193 -5.70 8.36 32.08
C THR B 193 -4.97 7.34 31.21
N VAL B 194 -5.50 7.12 30.00
CA VAL B 194 -4.88 6.19 29.08
C VAL B 194 -3.87 7.04 28.27
N ASP B 195 -2.72 6.45 28.01
CA ASP B 195 -1.71 7.02 27.14
C ASP B 195 -2.15 7.17 25.71
N ALA B 196 -1.72 8.25 25.05
CA ALA B 196 -2.21 8.56 23.70
C ALA B 196 -1.75 7.53 22.65
N ARG B 197 -0.55 6.95 22.85
CA ARG B 197 -0.08 5.93 21.97
C ARG B 197 -0.88 4.64 22.17
N VAL B 198 -1.17 4.27 23.40
CA VAL B 198 -2.02 3.11 23.64
C VAL B 198 -3.41 3.32 23.00
N TYR B 199 -3.99 4.49 23.22
CA TYR B 199 -5.33 4.76 22.69
C TYR B 199 -5.31 4.76 21.16
N SER B 200 -4.25 5.28 20.55
CA SER B 200 -4.13 5.31 19.12
C SER B 200 -4.05 3.91 18.51
N TYR B 201 -3.31 3.05 19.17
CA TYR B 201 -3.18 1.65 18.71
C TYR B 201 -4.57 0.98 18.81
N ALA B 202 -5.23 1.17 19.96
CA ALA B 202 -6.54 0.61 20.18
C ALA B 202 -7.57 1.05 19.16
N LEU B 203 -7.56 2.36 18.79
CA LEU B 203 -8.42 2.87 17.74
C LEU B 203 -8.19 2.17 16.43
N ALA B 204 -6.94 2.10 15.97
CA ALA B 204 -6.62 1.43 14.70
C ALA B 204 -6.99 -0.04 14.70
N LEU B 205 -6.84 -0.76 15.81
CA LEU B 205 -7.39 -2.12 15.87
C LEU B 205 -8.89 -2.11 15.45
N LYS B 206 -9.67 -1.15 15.91
CA LYS B 206 -11.10 -1.11 15.53
C LYS B 206 -11.24 -0.58 14.11
N HIS B 207 -10.47 0.41 13.72
CA HIS B 207 -10.70 1.01 12.41
C HIS B 207 -10.24 0.11 11.22
N ALA B 208 -9.42 -0.93 11.51
CA ALA B 208 -8.89 -1.78 10.45
C ALA B 208 -10.07 -2.37 9.64
N ASN B 209 -9.93 -2.38 8.31
CA ASN B 209 -10.99 -2.72 7.33
C ASN B 209 -12.45 -2.39 7.75
N GLN C 16 -20.94 2.35 -12.13
CA GLN C 16 -21.42 0.98 -12.56
C GLN C 16 -21.07 -0.03 -11.47
N TYR C 17 -21.88 -1.08 -11.34
CA TYR C 17 -21.63 -2.15 -10.37
C TYR C 17 -22.32 -3.42 -10.83
N ILE C 18 -21.92 -4.53 -10.20
CA ILE C 18 -22.46 -5.83 -10.53
C ILE C 18 -23.74 -6.03 -9.74
N ILE C 19 -24.76 -6.54 -10.42
CA ILE C 19 -26.06 -6.88 -9.80
C ILE C 19 -26.08 -8.38 -9.47
N SER C 20 -25.65 -9.25 -10.37
CA SER C 20 -25.73 -10.69 -10.11
C SER C 20 -24.85 -11.49 -11.05
N GLU C 21 -24.36 -12.63 -10.56
CA GLU C 21 -23.56 -13.59 -11.33
C GLU C 21 -24.35 -14.89 -11.45
N GLU C 22 -25.07 -15.00 -12.59
CA GLU C 22 -25.90 -16.15 -12.94
C GLU C 22 -25.07 -17.17 -13.74
N LEU C 23 -24.91 -18.36 -13.15
CA LEU C 23 -24.07 -19.43 -13.69
C LEU C 23 -24.69 -20.18 -14.91
N ILE C 24 -23.91 -20.36 -15.98
CA ILE C 24 -24.35 -21.10 -17.19
C ILE C 24 -23.77 -22.52 -17.21
N SER C 25 -22.45 -22.65 -17.19
CA SER C 25 -21.82 -23.97 -17.20
C SER C 25 -20.56 -23.98 -16.37
N GLU C 26 -20.25 -25.15 -15.79
CA GLU C 26 -19.05 -25.32 -14.92
C GLU C 26 -18.34 -26.62 -15.21
N GLY C 27 -17.10 -26.54 -15.67
CA GLY C 27 -16.27 -27.73 -15.91
C GLY C 27 -15.35 -27.91 -14.73
N LYS C 28 -14.44 -28.87 -14.85
CA LYS C 28 -13.43 -29.13 -13.82
C LYS C 28 -12.43 -27.98 -13.63
N TRP C 29 -12.10 -27.26 -14.72
CA TRP C 29 -11.09 -26.16 -14.68
C TRP C 29 -11.56 -24.76 -15.04
N VAL C 30 -12.68 -24.61 -15.75
CA VAL C 30 -13.22 -23.28 -16.16
C VAL C 30 -14.76 -23.21 -16.02
N LYS C 31 -15.32 -22.02 -15.80
CA LYS C 31 -16.77 -21.84 -15.67
C LYS C 31 -17.21 -20.64 -16.51
N LEU C 32 -18.45 -20.68 -16.99
CA LEU C 32 -19.02 -19.61 -17.84
C LEU C 32 -20.22 -19.02 -17.06
N GLU C 33 -20.46 -17.72 -17.15
CA GLU C 33 -21.52 -17.05 -16.40
C GLU C 33 -22.18 -15.94 -17.18
N LYS C 34 -23.38 -15.54 -16.68
CA LYS C 34 -24.14 -14.38 -17.18
C LYS C 34 -24.05 -13.28 -16.15
N THR C 35 -23.59 -12.10 -16.55
CA THR C 35 -23.23 -11.05 -15.60
C THR C 35 -24.21 -9.92 -15.79
N THR C 36 -24.99 -9.60 -14.74
CA THR C 36 -25.98 -8.54 -14.87
C THR C 36 -25.44 -7.33 -14.09
N TYR C 37 -25.60 -6.14 -14.66
CA TYR C 37 -24.78 -4.98 -14.26
C TYR C 37 -25.49 -3.65 -14.59
N MET C 38 -25.41 -2.66 -13.69
CA MET C 38 -26.01 -1.35 -13.95
C MET C 38 -25.00 -0.51 -14.72
N ASP C 39 -25.38 -0.02 -15.89
CA ASP C 39 -24.49 0.83 -16.69
C ASP C 39 -24.39 2.20 -16.07
N PRO C 40 -23.59 3.10 -16.69
CA PRO C 40 -23.43 4.41 -16.03
C PRO C 40 -24.70 5.33 -16.04
N THR C 41 -25.59 5.19 -17.03
CA THR C 41 -26.78 6.04 -17.17
C THR C 41 -28.05 5.56 -16.43
N GLY C 42 -28.00 4.39 -15.76
CA GLY C 42 -29.17 3.82 -15.05
C GLY C 42 -29.79 2.57 -15.68
N LYS C 43 -29.51 2.29 -16.97
CA LYS C 43 -29.91 1.05 -17.64
C LYS C 43 -29.19 -0.19 -17.09
N THR C 44 -29.99 -1.18 -16.68
CA THR C 44 -29.51 -2.53 -16.33
C THR C 44 -29.10 -3.22 -17.68
N ARG C 45 -27.97 -3.96 -17.72
CA ARG C 45 -27.49 -4.63 -18.95
C ARG C 45 -26.89 -5.96 -18.58
N THR C 46 -26.45 -6.73 -19.57
CA THR C 46 -25.97 -8.09 -19.34
C THR C 46 -24.66 -8.35 -20.12
N TRP C 47 -23.91 -9.38 -19.72
CA TRP C 47 -22.56 -9.71 -20.30
C TRP C 47 -22.23 -11.20 -20.10
N GLU C 48 -21.61 -11.85 -21.10
CA GLU C 48 -21.12 -13.25 -20.95
C GLU C 48 -19.64 -13.29 -20.42
N SER C 49 -19.45 -13.93 -19.27
CA SER C 49 -18.22 -13.80 -18.45
C SER C 49 -17.62 -15.16 -18.15
N VAL C 50 -16.29 -15.22 -18.11
CA VAL C 50 -15.60 -16.46 -17.90
C VAL C 50 -14.73 -16.33 -16.66
N LYS C 51 -14.66 -17.40 -15.88
CA LYS C 51 -13.87 -17.44 -14.66
C LYS C 51 -13.30 -18.87 -14.50
N ARG C 52 -12.04 -18.98 -14.05
CA ARG C 52 -11.44 -20.30 -13.74
C ARG C 52 -12.00 -20.74 -12.43
N THR C 53 -11.92 -22.04 -12.18
CA THR C 53 -12.50 -22.63 -10.97
C THR C 53 -11.49 -22.79 -9.85
N THR C 54 -10.21 -22.65 -10.21
CA THR C 54 -9.10 -22.96 -9.33
C THR C 54 -8.72 -21.81 -8.30
N ARG C 55 -9.31 -20.60 -8.38
CA ARG C 55 -8.85 -19.42 -7.57
C ARG C 55 -9.34 -19.39 -6.10
N LYS C 56 -8.42 -19.03 -5.18
CA LYS C 56 -8.66 -19.00 -3.72
C LYS C 56 -8.71 -17.56 -3.21
N GLN C 58 -6.06 -15.97 -2.56
CA GLN C 58 -5.04 -16.02 -3.61
C GLN C 58 -5.09 -14.68 -4.34
N THR C 59 -3.90 -14.09 -4.55
CA THR C 59 -3.79 -12.68 -5.04
C THR C 59 -4.28 -12.55 -6.50
N ALA C 60 -4.12 -13.65 -7.23
CA ALA C 60 -4.44 -13.72 -8.62
C ALA C 60 -4.45 -15.18 -9.00
N ASP C 61 -4.89 -15.50 -10.21
CA ASP C 61 -4.89 -16.85 -10.64
C ASP C 61 -3.46 -17.40 -10.76
N GLY C 62 -2.57 -16.59 -11.34
CA GLY C 62 -1.24 -17.13 -11.67
C GLY C 62 -0.15 -16.12 -11.68
N VAL C 63 0.98 -16.57 -12.17
CA VAL C 63 2.09 -15.65 -12.40
C VAL C 63 2.63 -15.85 -13.81
N ALA C 64 3.18 -14.77 -14.37
CA ALA C 64 4.03 -14.83 -15.56
C ALA C 64 5.40 -14.29 -15.19
N VAL C 65 6.46 -14.94 -15.66
CA VAL C 65 7.80 -14.57 -15.23
C VAL C 65 8.47 -13.93 -16.43
N ILE C 66 9.01 -12.71 -16.25
CA ILE C 66 9.87 -12.07 -17.26
C ILE C 66 11.31 -12.41 -16.82
N PRO C 67 11.96 -13.42 -17.49
CA PRO C 67 13.21 -13.96 -16.95
C PRO C 67 14.39 -13.40 -17.76
N VAL C 68 15.12 -12.52 -17.12
CA VAL C 68 16.18 -11.80 -17.79
C VAL C 68 17.51 -12.51 -17.48
N LEU C 69 18.03 -13.11 -18.52
CA LEU C 69 19.24 -13.86 -18.46
C LEU C 69 20.44 -12.93 -18.64
N GLN C 70 21.24 -12.83 -17.58
CA GLN C 70 22.31 -11.88 -17.44
C GLN C 70 23.64 -12.59 -17.38
N ARG C 71 24.55 -12.15 -18.22
CA ARG C 71 25.89 -12.78 -18.38
C ARG C 71 26.94 -11.70 -18.60
N THR C 72 28.13 -11.86 -18.04
CA THR C 72 29.17 -10.79 -18.10
C THR C 72 29.54 -10.38 -19.49
N LEU C 73 29.60 -11.36 -20.38
CA LEU C 73 30.12 -11.17 -21.72
C LEU C 73 29.10 -10.80 -22.78
N HIS C 74 27.81 -10.84 -22.45
CA HIS C 74 26.73 -10.73 -23.41
C HIS C 74 25.68 -9.68 -23.06
N TYR C 75 24.92 -9.30 -24.07
CA TYR C 75 23.70 -8.57 -23.79
C TYR C 75 22.67 -9.51 -23.15
N GLU C 76 21.68 -8.92 -22.53
CA GLU C 76 20.65 -9.68 -21.83
C GLU C 76 19.81 -10.43 -22.83
N CYS C 77 19.34 -11.61 -22.41
CA CYS C 77 18.31 -12.32 -23.14
C CYS C 77 17.08 -12.42 -22.32
N ILE C 78 15.96 -12.55 -23.02
CA ILE C 78 14.69 -12.86 -22.36
C ILE C 78 14.43 -14.33 -22.65
N VAL C 79 14.10 -15.09 -21.60
CA VAL C 79 13.94 -16.57 -21.69
C VAL C 79 12.44 -16.77 -21.86
N LEU C 80 12.03 -17.39 -22.95
CA LEU C 80 10.65 -17.66 -23.23
C LEU C 80 10.48 -19.22 -23.35
N VAL C 81 9.23 -19.66 -23.32
CA VAL C 81 8.87 -21.05 -23.52
C VAL C 81 7.95 -21.23 -24.72
N LYS C 82 8.09 -22.35 -25.41
CA LYS C 82 7.20 -22.70 -26.53
C LYS C 82 6.49 -24.01 -26.12
N GLN C 83 5.17 -24.00 -26.22
CA GLN C 83 4.41 -25.19 -25.90
C GLN C 83 3.16 -25.25 -26.71
N PHE C 84 2.64 -26.47 -26.84
CA PHE C 84 1.41 -26.69 -27.55
C PHE C 84 0.26 -26.25 -26.64
N ARG C 85 -0.68 -25.49 -27.14
CA ARG C 85 -1.78 -24.98 -26.33
C ARG C 85 -3.09 -25.43 -26.96
N PRO C 86 -3.78 -26.40 -26.30
CA PRO C 86 -5.00 -26.96 -26.91
C PRO C 86 -6.05 -25.95 -27.31
N PRO C 87 -6.30 -24.93 -26.48
CA PRO C 87 -7.25 -23.97 -26.94
C PRO C 87 -6.87 -23.27 -28.25
N MET C 88 -5.58 -23.09 -28.49
CA MET C 88 -5.10 -22.42 -29.69
C MET C 88 -4.98 -23.39 -30.87
N GLY C 89 -4.94 -24.69 -30.60
CA GLY C 89 -4.76 -25.68 -31.67
C GLY C 89 -3.34 -25.62 -32.23
N GLY C 90 -2.38 -25.24 -31.40
CA GLY C 90 -1.07 -24.95 -31.93
C GLY C 90 -0.14 -24.47 -30.87
N TYR C 91 1.06 -24.14 -31.33
CA TYR C 91 2.16 -23.81 -30.46
C TYR C 91 2.15 -22.32 -30.19
N CYS C 92 2.56 -21.96 -28.97
CA CYS C 92 2.63 -20.54 -28.60
C CYS C 92 3.92 -20.23 -27.93
N ILE C 93 4.42 -19.01 -28.11
CA ILE C 93 5.60 -18.58 -27.45
C ILE C 93 5.16 -17.60 -26.34
N GLU C 94 5.60 -17.86 -25.12
CA GLU C 94 5.08 -17.13 -23.94
C GLU C 94 6.15 -16.95 -22.93
N PHE C 95 5.88 -16.11 -21.92
CA PHE C 95 6.69 -16.05 -20.71
C PHE C 95 6.37 -17.34 -19.92
N PRO C 96 7.37 -17.94 -19.27
CA PRO C 96 7.13 -18.99 -18.31
C PRO C 96 6.04 -18.52 -17.35
N ALA C 97 5.11 -19.44 -17.05
CA ALA C 97 3.92 -19.13 -16.32
C ALA C 97 3.31 -20.35 -15.69
N GLY C 98 2.61 -20.10 -14.59
CA GLY C 98 1.70 -21.08 -14.01
C GLY C 98 0.79 -20.48 -12.94
N LEU C 99 -0.17 -21.28 -12.48
CA LEU C 99 -1.03 -20.92 -11.36
C LEU C 99 -0.27 -20.92 -10.03
N ILE C 100 -0.64 -19.99 -9.17
CA ILE C 100 -0.12 -19.94 -7.81
C ILE C 100 -0.78 -21.03 -6.94
N ASP C 101 0.02 -21.96 -6.41
CA ASP C 101 -0.48 -22.95 -5.47
C ASP C 101 -1.08 -22.29 -4.22
N ASP C 102 -1.92 -23.05 -3.52
CA ASP C 102 -2.51 -22.57 -2.27
C ASP C 102 -1.42 -22.37 -1.21
N GLY C 103 -1.42 -21.22 -0.55
CA GLY C 103 -0.43 -20.93 0.48
C GLY C 103 0.92 -20.52 -0.08
N GLU C 104 0.97 -20.13 -1.36
CA GLU C 104 2.22 -19.79 -2.06
C GLU C 104 2.27 -18.33 -2.35
N THR C 105 3.39 -17.69 -2.07
CA THR C 105 3.55 -16.32 -2.52
C THR C 105 3.65 -16.25 -4.09
N PRO C 106 3.23 -15.13 -4.73
CA PRO C 106 3.50 -15.01 -6.18
C PRO C 106 4.99 -15.16 -6.48
N GLU C 107 5.84 -14.62 -5.59
CA GLU C 107 7.24 -14.62 -5.82
C GLU C 107 7.78 -16.04 -5.81
N ALA C 108 7.24 -16.91 -4.97
CA ALA C 108 7.77 -18.26 -4.83
C ALA C 108 7.25 -19.09 -6.03
N ALA C 109 6.01 -18.81 -6.43
CA ALA C 109 5.41 -19.39 -7.64
C ALA C 109 6.29 -19.11 -8.85
N ALA C 110 6.68 -17.84 -8.98
CA ALA C 110 7.47 -17.41 -10.06
C ALA C 110 8.83 -18.19 -10.16
N LEU C 111 9.57 -18.29 -9.07
CA LEU C 111 10.84 -19.00 -9.10
C LEU C 111 10.64 -20.49 -9.30
N ARG C 112 9.63 -21.08 -8.66
CA ARG C 112 9.24 -22.48 -8.95
C ARG C 112 8.92 -22.72 -10.43
N GLU C 113 7.94 -21.98 -10.95
CA GLU C 113 7.55 -22.16 -12.34
C GLU C 113 8.73 -21.92 -13.30
N LEU C 114 9.56 -20.91 -13.00
CA LEU C 114 10.71 -20.62 -13.91
C LEU C 114 11.65 -21.83 -13.90
N GLU C 115 11.96 -22.33 -12.71
CA GLU C 115 12.88 -23.46 -12.61
C GLU C 115 12.35 -24.73 -13.29
N GLU C 116 11.09 -25.05 -13.09
CA GLU C 116 10.42 -26.19 -13.70
C GLU C 116 10.37 -26.17 -15.22
N GLU C 117 10.08 -24.98 -15.77
CA GLU C 117 9.83 -24.83 -17.18
C GLU C 117 11.05 -24.56 -18.04
N THR C 118 12.10 -24.04 -17.42
CA THR C 118 13.32 -23.68 -18.12
C THR C 118 14.60 -24.25 -17.52
N GLY C 119 14.56 -24.79 -16.29
CA GLY C 119 15.77 -25.17 -15.57
C GLY C 119 16.56 -24.06 -14.93
N TYR C 120 16.31 -22.79 -15.26
CA TYR C 120 17.06 -21.72 -14.62
C TYR C 120 16.70 -21.44 -13.15
N LYS C 121 17.73 -21.16 -12.35
CA LYS C 121 17.55 -20.67 -10.99
C LYS C 121 17.73 -19.16 -10.96
N GLY C 122 16.68 -18.43 -10.60
CA GLY C 122 16.63 -16.97 -10.64
C GLY C 122 16.45 -16.29 -9.31
N ASP C 123 16.53 -14.98 -9.33
CA ASP C 123 16.36 -14.09 -8.19
C ASP C 123 15.20 -13.11 -8.51
N ILE C 124 14.27 -12.91 -7.57
CA ILE C 124 13.22 -11.90 -7.77
C ILE C 124 13.79 -10.52 -7.95
N ALA C 125 13.37 -9.82 -9.00
CA ALA C 125 13.68 -8.39 -9.12
C ALA C 125 12.46 -7.48 -8.74
N GLU C 126 11.26 -7.86 -9.14
CA GLU C 126 10.09 -6.94 -9.00
C GLU C 126 8.86 -7.81 -9.19
N CYS C 127 7.77 -7.46 -8.50
CA CYS C 127 6.53 -8.18 -8.67
C CYS C 127 5.41 -7.17 -8.87
N SER C 128 4.70 -7.30 -9.99
CA SER C 128 3.53 -6.47 -10.27
C SER C 128 2.37 -6.69 -9.34
N PRO C 129 1.42 -5.73 -9.29
CA PRO C 129 0.13 -6.05 -8.66
C PRO C 129 -0.65 -7.02 -9.59
N ALA C 130 -1.71 -7.66 -9.08
CA ALA C 130 -2.61 -8.47 -9.93
C ALA C 130 -3.13 -7.68 -11.14
N VAL C 131 -2.80 -8.17 -12.36
CA VAL C 131 -3.15 -7.48 -13.65
C VAL C 131 -4.02 -8.45 -14.42
N CYS C 132 -4.96 -7.87 -15.17
CA CYS C 132 -5.99 -8.66 -15.84
C CYS C 132 -5.49 -9.17 -17.22
N MET C 133 -5.90 -10.36 -17.54
CA MET C 133 -5.50 -11.01 -18.85
C MET C 133 -6.35 -10.63 -20.08
N ASP C 134 -7.66 -10.65 -19.91
CA ASP C 134 -8.55 -10.31 -21.04
C ASP C 134 -9.87 -9.85 -20.39
N PRO C 135 -9.93 -8.56 -20.00
CA PRO C 135 -10.95 -8.18 -19.03
C PRO C 135 -12.34 -8.01 -19.65
N GLY C 136 -12.42 -7.87 -20.98
CA GLY C 136 -13.71 -7.97 -21.74
C GLY C 136 -14.34 -9.37 -21.75
N LEU C 137 -13.58 -10.34 -21.32
CA LEU C 137 -13.99 -11.74 -21.39
C LEU C 137 -13.86 -12.49 -20.11
N SER C 138 -12.80 -12.29 -19.34
CA SER C 138 -12.64 -13.09 -18.16
C SER C 138 -12.19 -12.17 -17.09
N ASN C 139 -12.24 -12.69 -15.86
CA ASN C 139 -11.69 -12.00 -14.69
C ASN C 139 -10.27 -12.49 -14.42
N CYS C 140 -9.67 -13.27 -15.32
CA CYS C 140 -8.40 -13.96 -14.97
C CYS C 140 -7.32 -12.94 -14.68
N THR C 141 -6.50 -13.17 -13.62
CA THR C 141 -5.45 -12.22 -13.26
C THR C 141 -4.11 -12.95 -13.03
N ILE C 142 -3.05 -12.19 -13.26
CA ILE C 142 -1.70 -12.65 -12.88
C ILE C 142 -0.91 -11.58 -12.18
N HIS C 143 0.19 -12.01 -11.52
CA HIS C 143 1.31 -11.11 -11.25
C HIS C 143 2.43 -11.37 -12.29
N ILE C 144 2.93 -10.28 -12.85
CA ILE C 144 4.07 -10.27 -13.69
C ILE C 144 5.28 -10.03 -12.78
N VAL C 145 6.06 -11.09 -12.66
CA VAL C 145 7.23 -11.10 -11.81
C VAL C 145 8.51 -11.10 -12.65
N THR C 146 9.26 -10.01 -12.52
CA THR C 146 10.54 -9.87 -13.16
C THR C 146 11.59 -10.60 -12.35
N VAL C 147 12.34 -11.51 -13.01
CA VAL C 147 13.31 -12.36 -12.35
C VAL C 147 14.60 -12.26 -13.09
N THR C 148 15.72 -12.03 -12.41
CA THR C 148 17.07 -12.04 -13.05
C THR C 148 17.67 -13.43 -12.92
N ILE C 149 18.37 -13.86 -13.96
CA ILE C 149 19.09 -15.13 -13.94
C ILE C 149 20.56 -14.84 -14.15
N ASN C 150 21.41 -15.15 -13.16
CA ASN C 150 22.85 -15.12 -13.35
C ASN C 150 23.26 -16.32 -14.23
N GLY C 151 23.34 -16.05 -15.51
CA GLY C 151 23.82 -17.04 -16.53
C GLY C 151 25.24 -17.51 -16.40
N ASP C 152 26.06 -16.83 -15.60
CA ASP C 152 27.46 -17.21 -15.45
C ASP C 152 27.70 -18.02 -14.22
N ASP C 153 26.71 -18.11 -13.34
CA ASP C 153 26.82 -18.93 -12.18
C ASP C 153 26.80 -20.38 -12.63
N ALA C 154 27.69 -21.16 -12.02
CA ALA C 154 27.88 -22.54 -12.37
C ALA C 154 26.55 -23.30 -12.22
N GLU C 155 25.79 -23.00 -11.16
CA GLU C 155 24.45 -23.62 -10.98
C GLU C 155 23.48 -23.45 -12.16
N ASN C 156 23.70 -22.44 -13.04
CA ASN C 156 22.91 -22.24 -14.23
C ASN C 156 23.59 -22.71 -15.51
N ALA C 157 24.73 -23.41 -15.40
CA ALA C 157 25.45 -23.84 -16.60
C ALA C 157 24.65 -24.78 -17.50
N ARG C 158 23.99 -25.76 -16.92
CA ARG C 158 23.34 -26.75 -17.74
C ARG C 158 21.89 -26.77 -17.33
N PRO C 159 21.13 -25.67 -17.56
CA PRO C 159 19.74 -25.65 -17.14
C PRO C 159 18.91 -26.82 -17.74
N LYS C 160 18.15 -27.53 -16.89
CA LYS C 160 17.28 -28.63 -17.37
C LYS C 160 15.88 -28.45 -16.85
N PRO C 161 14.91 -28.22 -17.75
CA PRO C 161 13.54 -28.17 -17.28
C PRO C 161 13.19 -29.47 -16.57
N LYS C 162 12.42 -29.40 -15.48
CA LYS C 162 11.83 -30.61 -14.88
C LYS C 162 10.32 -30.36 -14.86
N PRO C 163 9.64 -30.57 -16.02
CA PRO C 163 8.23 -30.17 -16.03
C PRO C 163 7.36 -31.32 -15.53
N GLY C 164 6.14 -30.99 -15.13
CA GLY C 164 5.20 -32.00 -14.63
C GLY C 164 4.73 -32.86 -15.77
N ASP C 165 4.37 -34.11 -15.46
CA ASP C 165 3.59 -34.96 -16.37
C ASP C 165 2.52 -34.16 -17.14
N GLY C 166 2.45 -34.35 -18.45
CA GLY C 166 1.56 -33.54 -19.28
C GLY C 166 2.11 -32.20 -19.77
N GLU C 167 3.07 -31.59 -19.05
CA GLU C 167 3.75 -30.39 -19.55
C GLU C 167 4.89 -30.73 -20.52
N PHE C 168 4.91 -30.03 -21.65
CA PHE C 168 5.95 -30.25 -22.67
C PHE C 168 6.43 -28.89 -23.13
N VAL C 169 7.66 -28.54 -22.78
CA VAL C 169 8.10 -27.16 -22.90
C VAL C 169 9.43 -27.14 -23.58
N GLU C 170 9.59 -26.20 -24.50
CA GLU C 170 10.86 -25.94 -25.16
C GLU C 170 11.26 -24.50 -24.81
N VAL C 171 12.55 -24.28 -24.61
CA VAL C 171 13.07 -23.04 -24.08
C VAL C 171 13.70 -22.35 -25.25
N ILE C 172 13.40 -21.06 -25.39
CA ILE C 172 13.97 -20.18 -26.37
C ILE C 172 14.40 -18.90 -25.64
N SER C 173 15.71 -18.62 -25.60
CA SER C 173 16.25 -17.35 -25.13
C SER C 173 16.56 -16.40 -26.26
N LEU C 174 16.02 -15.19 -26.19
CA LEU C 174 16.20 -14.25 -27.27
C LEU C 174 16.76 -12.93 -26.75
N PRO C 175 17.67 -12.28 -27.52
CA PRO C 175 18.31 -11.06 -27.04
C PRO C 175 17.26 -9.95 -26.84
N LYS C 176 17.32 -9.34 -25.67
CA LYS C 176 16.39 -8.30 -25.27
C LYS C 176 16.46 -7.11 -26.25
N ASN C 177 17.68 -6.76 -26.65
CA ASN C 177 17.90 -5.62 -27.56
C ASN C 177 17.50 -5.91 -29.02
N ASP C 178 17.01 -7.11 -29.30
CA ASP C 178 16.46 -7.39 -30.65
C ASP C 178 15.19 -8.25 -30.59
N LEU C 179 14.39 -8.06 -29.53
CA LEU C 179 13.34 -9.06 -29.21
C LEU C 179 12.29 -9.19 -30.28
N LEU C 180 11.71 -8.05 -30.65
CA LEU C 180 10.64 -8.00 -31.62
C LEU C 180 11.00 -8.60 -32.96
N GLN C 181 12.10 -8.13 -33.56
CA GLN C 181 12.64 -8.76 -34.80
C GLN C 181 12.85 -10.28 -34.67
N ARG C 182 13.39 -10.74 -33.58
CA ARG C 182 13.62 -12.15 -33.42
C ARG C 182 12.33 -12.93 -33.24
N LEU C 183 11.29 -12.32 -32.62
CA LEU C 183 9.99 -12.96 -32.51
C LEU C 183 9.30 -13.06 -33.89
N ASP C 184 9.35 -11.95 -34.62
CA ASP C 184 8.87 -11.84 -35.99
C ASP C 184 9.48 -12.90 -36.88
N ALA C 185 10.78 -13.17 -36.70
CA ALA C 185 11.46 -14.20 -37.48
C ALA C 185 10.95 -15.60 -37.14
N LEU C 186 10.85 -15.93 -35.85
CA LEU C 186 10.15 -17.19 -35.44
C LEU C 186 8.79 -17.43 -36.03
N VAL C 187 7.96 -16.40 -36.02
CA VAL C 187 6.61 -16.41 -36.58
C VAL C 187 6.63 -16.70 -38.09
N ALA C 188 7.73 -16.35 -38.77
CA ALA C 188 7.91 -16.56 -40.22
C ALA C 188 8.41 -17.96 -40.54
N GLU C 189 9.36 -18.45 -39.76
CA GLU C 189 9.83 -19.83 -39.91
C GLU C 189 8.73 -20.92 -39.68
N GLU C 190 7.83 -20.73 -38.71
CA GLU C 190 6.85 -21.76 -38.29
C GLU C 190 5.48 -21.14 -38.11
N HIS C 191 4.43 -21.97 -38.02
CA HIS C 191 3.17 -21.46 -37.50
C HIS C 191 3.16 -21.60 -35.98
N LEU C 192 3.54 -20.50 -35.34
CA LEU C 192 3.37 -20.34 -33.94
C LEU C 192 2.78 -18.96 -33.66
N THR C 193 2.15 -18.84 -32.50
CA THR C 193 1.52 -17.59 -32.05
C THR C 193 2.34 -17.01 -30.87
N VAL C 194 2.67 -15.74 -30.93
CA VAL C 194 3.34 -15.08 -29.82
C VAL C 194 2.29 -14.60 -28.82
N ASP C 195 2.57 -14.71 -27.54
CA ASP C 195 1.65 -14.21 -26.51
C ASP C 195 1.57 -12.68 -26.57
N ALA C 196 0.39 -12.13 -26.32
CA ALA C 196 0.21 -10.66 -26.36
C ALA C 196 1.05 -9.87 -25.35
N ARG C 197 1.24 -10.44 -24.16
CA ARG C 197 2.13 -9.82 -23.16
C ARG C 197 3.54 -9.81 -23.60
N VAL C 198 3.99 -10.93 -24.20
CA VAL C 198 5.32 -10.99 -24.74
C VAL C 198 5.52 -9.95 -25.85
N TYR C 199 4.58 -9.85 -26.78
CA TYR C 199 4.68 -8.92 -27.89
C TYR C 199 4.60 -7.44 -27.44
N SER C 200 3.78 -7.13 -26.46
CA SER C 200 3.71 -5.79 -25.86
C SER C 200 4.99 -5.42 -25.20
N TYR C 201 5.60 -6.40 -24.52
CA TYR C 201 6.89 -6.16 -23.89
C TYR C 201 7.88 -5.88 -24.99
N ALA C 202 7.88 -6.73 -26.02
CA ALA C 202 8.81 -6.47 -27.13
C ALA C 202 8.67 -5.11 -27.85
N LEU C 203 7.44 -4.68 -28.10
CA LEU C 203 7.21 -3.40 -28.77
C LEU C 203 7.76 -2.23 -27.91
N ALA C 204 7.46 -2.22 -26.62
CA ALA C 204 8.02 -1.15 -25.74
C ALA C 204 9.57 -1.15 -25.71
N LEU C 205 10.19 -2.33 -25.80
CA LEU C 205 11.65 -2.36 -25.84
C LEU C 205 12.11 -1.59 -27.11
N LYS C 206 11.48 -1.87 -28.24
CA LYS C 206 11.69 -1.13 -29.52
C LYS C 206 11.41 0.39 -29.37
N HIS C 207 10.29 0.73 -28.78
CA HIS C 207 9.88 2.12 -28.57
C HIS C 207 10.60 3.03 -27.57
N ALA C 208 11.28 2.50 -26.56
CA ALA C 208 11.80 3.34 -25.47
C ALA C 208 12.78 4.40 -25.95
N LYS D 15 4.17 -32.45 -34.04
CA LYS D 15 4.34 -33.47 -32.95
C LYS D 15 3.02 -33.62 -32.21
N GLN D 16 2.48 -32.56 -31.60
CA GLN D 16 1.11 -32.62 -31.01
C GLN D 16 0.04 -32.14 -31.96
N TYR D 17 -1.21 -32.55 -31.74
CA TYR D 17 -2.32 -32.12 -32.61
C TYR D 17 -3.64 -32.27 -31.92
N ILE D 18 -4.63 -31.55 -32.44
CA ILE D 18 -6.00 -31.68 -31.97
C ILE D 18 -6.61 -32.93 -32.61
N ILE D 19 -7.21 -33.79 -31.79
CA ILE D 19 -7.92 -35.02 -32.20
C ILE D 19 -9.39 -34.65 -32.40
N SER D 20 -9.99 -33.88 -31.47
CA SER D 20 -11.39 -33.41 -31.56
C SER D 20 -11.80 -32.32 -30.56
N GLU D 21 -12.92 -31.67 -30.83
CA GLU D 21 -13.42 -30.57 -30.04
C GLU D 21 -14.95 -30.67 -29.73
N GLU D 22 -15.30 -31.09 -28.52
CA GLU D 22 -16.70 -31.30 -28.12
C GLU D 22 -17.30 -29.97 -27.64
N LEU D 23 -18.38 -29.49 -28.25
CA LEU D 23 -19.10 -28.31 -27.73
C LEU D 23 -19.71 -28.65 -26.39
N ILE D 24 -19.52 -27.78 -25.39
CA ILE D 24 -20.09 -28.00 -24.04
C ILE D 24 -21.16 -26.99 -23.68
N SER D 25 -20.98 -25.72 -24.00
CA SER D 25 -22.07 -24.73 -23.81
C SER D 25 -21.77 -23.47 -24.66
N GLU D 26 -22.81 -22.93 -25.30
CA GLU D 26 -22.65 -21.87 -26.31
C GLU D 26 -23.67 -20.75 -26.09
N GLY D 27 -23.22 -19.60 -25.58
CA GLY D 27 -24.04 -18.39 -25.46
C GLY D 27 -23.93 -17.53 -26.70
N LYS D 28 -24.36 -16.28 -26.59
CA LYS D 28 -24.39 -15.36 -27.75
C LYS D 28 -23.00 -14.90 -28.20
N TRP D 29 -22.11 -14.64 -27.23
CA TRP D 29 -20.77 -14.08 -27.49
C TRP D 29 -19.57 -15.03 -27.22
N VAL D 30 -19.80 -16.06 -26.41
CA VAL D 30 -18.73 -16.90 -25.86
C VAL D 30 -19.20 -18.35 -25.76
N LYS D 31 -18.26 -19.29 -25.94
CA LYS D 31 -18.54 -20.76 -25.90
C LYS D 31 -17.40 -21.56 -25.22
N LEU D 32 -17.73 -22.73 -24.66
CA LEU D 32 -16.84 -23.60 -23.92
C LEU D 32 -16.84 -24.97 -24.59
N GLU D 33 -15.72 -25.70 -24.48
CA GLU D 33 -15.46 -26.91 -25.26
C GLU D 33 -14.52 -27.78 -24.53
N LYS D 34 -14.72 -29.10 -24.62
CA LYS D 34 -13.69 -30.08 -24.25
C LYS D 34 -12.88 -30.37 -25.54
N THR D 35 -11.57 -30.35 -25.40
CA THR D 35 -10.66 -30.49 -26.49
C THR D 35 -9.90 -31.74 -26.26
N THR D 36 -9.85 -32.63 -27.25
CA THR D 36 -9.01 -33.80 -27.14
C THR D 36 -7.76 -33.64 -28.00
N TYR D 37 -6.59 -34.01 -27.50
CA TYR D 37 -5.38 -33.78 -28.27
C TYR D 37 -4.37 -34.85 -27.96
N MET D 38 -3.43 -35.05 -28.85
CA MET D 38 -2.40 -36.02 -28.66
C MET D 38 -1.19 -35.29 -28.12
N ASP D 39 -0.71 -35.69 -26.94
CA ASP D 39 0.58 -35.21 -26.42
C ASP D 39 1.74 -35.81 -27.21
N PRO D 40 2.96 -35.33 -26.97
CA PRO D 40 4.07 -35.93 -27.74
C PRO D 40 4.44 -37.38 -27.34
N THR D 41 4.19 -37.80 -26.09
CA THR D 41 4.45 -39.19 -25.66
C THR D 41 3.55 -40.21 -26.37
N GLY D 42 2.56 -39.75 -27.14
CA GLY D 42 1.61 -40.61 -27.85
C GLY D 42 0.26 -40.77 -27.13
N LYS D 43 0.08 -40.09 -26.02
CA LYS D 43 -1.11 -40.21 -25.15
C LYS D 43 -2.23 -39.17 -25.43
N THR D 44 -3.46 -39.64 -25.50
CA THR D 44 -4.60 -38.76 -25.68
C THR D 44 -4.84 -38.05 -24.37
N ARG D 45 -5.15 -36.76 -24.43
CA ARG D 45 -5.50 -35.99 -23.24
C ARG D 45 -6.60 -35.02 -23.57
N THR D 46 -7.16 -34.40 -22.55
CA THR D 46 -8.21 -33.41 -22.78
C THR D 46 -7.90 -32.05 -22.14
N TRP D 47 -8.73 -31.07 -22.46
CA TRP D 47 -8.51 -29.68 -22.08
C TRP D 47 -9.81 -28.89 -22.23
N GLU D 48 -10.15 -28.04 -21.26
CA GLU D 48 -11.33 -27.19 -21.36
C GLU D 48 -10.88 -25.82 -21.85
N SER D 49 -11.52 -25.36 -22.93
CA SER D 49 -11.11 -24.20 -23.72
C SER D 49 -12.30 -23.32 -23.96
N VAL D 50 -12.03 -22.05 -24.10
CA VAL D 50 -13.03 -21.06 -24.27
C VAL D 50 -12.80 -20.45 -25.65
N LYS D 51 -13.87 -20.18 -26.39
CA LYS D 51 -13.75 -19.47 -27.66
C LYS D 51 -14.89 -18.47 -27.77
N ARG D 52 -14.70 -17.43 -28.57
CA ARG D 52 -15.74 -16.46 -28.88
C ARG D 52 -16.50 -16.94 -30.12
N THR D 53 -17.78 -16.63 -30.18
CA THR D 53 -18.62 -17.08 -31.26
C THR D 53 -18.65 -16.07 -32.38
N THR D 54 -18.03 -14.90 -32.22
CA THR D 54 -18.24 -13.78 -33.16
C THR D 54 -17.11 -13.67 -34.20
N ALA D 60 -7.96 -12.31 -36.81
CA ALA D 60 -8.01 -12.30 -35.33
C ALA D 60 -9.37 -11.83 -34.79
N ASP D 61 -9.67 -12.01 -33.49
CA ASP D 61 -10.94 -11.48 -32.94
C ASP D 61 -10.96 -9.95 -32.81
N GLY D 62 -9.87 -9.39 -32.26
CA GLY D 62 -9.82 -7.95 -31.95
C GLY D 62 -8.56 -7.22 -32.38
N VAL D 63 -8.58 -5.91 -32.09
CA VAL D 63 -7.42 -5.05 -32.11
C VAL D 63 -7.26 -4.42 -30.72
N ALA D 64 -6.01 -4.14 -30.35
CA ALA D 64 -5.66 -3.26 -29.20
C ALA D 64 -4.76 -2.24 -29.77
N VAL D 65 -4.96 -0.97 -29.43
CA VAL D 65 -4.16 0.10 -30.01
C VAL D 65 -3.24 0.68 -28.93
N ILE D 66 -1.99 0.90 -29.32
CA ILE D 66 -0.99 1.54 -28.50
C ILE D 66 -0.88 2.95 -29.07
N PRO D 67 -1.57 3.93 -28.44
CA PRO D 67 -1.61 5.21 -29.11
C PRO D 67 -0.58 6.22 -28.51
N VAL D 68 0.41 6.66 -29.30
CA VAL D 68 1.47 7.56 -28.89
C VAL D 68 1.17 9.04 -29.32
N LEU D 69 0.68 9.85 -28.39
CA LEU D 69 0.40 11.28 -28.65
C LEU D 69 1.71 12.09 -28.70
N GLN D 70 2.01 12.68 -29.86
CA GLN D 70 3.26 13.41 -30.11
C GLN D 70 3.05 14.91 -30.44
N ARG D 71 3.57 15.80 -29.58
CA ARG D 71 3.67 17.23 -29.89
C ARG D 71 5.16 17.62 -29.94
N THR D 72 5.57 18.39 -30.95
CA THR D 72 6.95 18.88 -31.01
C THR D 72 7.28 19.72 -29.77
N LEU D 73 8.51 19.61 -29.26
CA LEU D 73 8.90 20.32 -28.02
C LEU D 73 8.21 19.83 -26.76
N HIS D 74 7.61 18.63 -26.80
CA HIS D 74 6.93 18.05 -25.63
C HIS D 74 7.29 16.56 -25.49
N TYR D 75 7.05 16.02 -24.31
CA TYR D 75 7.20 14.57 -24.03
C TYR D 75 6.12 13.84 -24.82
N GLU D 76 6.33 12.56 -25.14
CA GLU D 76 5.23 11.69 -25.65
C GLU D 76 4.35 11.14 -24.53
N CYS D 77 3.07 10.96 -24.80
CA CYS D 77 2.09 10.33 -23.89
C CYS D 77 1.43 9.14 -24.57
N ILE D 78 0.99 8.18 -23.76
CA ILE D 78 0.39 6.95 -24.22
C ILE D 78 -1.05 7.12 -23.82
N VAL D 79 -1.94 7.11 -24.81
CA VAL D 79 -3.35 7.30 -24.50
C VAL D 79 -3.98 5.97 -24.08
N LEU D 80 -4.45 5.87 -22.87
CA LEU D 80 -5.16 4.69 -22.41
C LEU D 80 -6.61 5.00 -22.28
N VAL D 81 -7.43 3.99 -21.90
CA VAL D 81 -8.81 4.24 -21.57
C VAL D 81 -9.23 3.46 -20.36
N LYS D 82 -10.15 4.02 -19.56
CA LYS D 82 -10.75 3.28 -18.39
C LYS D 82 -12.22 3.10 -18.65
N GLN D 83 -12.71 1.96 -18.19
CA GLN D 83 -14.08 1.55 -18.38
C GLN D 83 -14.33 0.38 -17.45
N PHE D 84 -15.61 0.16 -17.10
CA PHE D 84 -16.12 -0.95 -16.29
C PHE D 84 -16.13 -2.21 -17.15
N ARG D 85 -15.57 -3.29 -16.59
CA ARG D 85 -15.50 -4.58 -17.23
C ARG D 85 -16.33 -5.54 -16.43
N PRO D 86 -17.55 -5.84 -16.88
CA PRO D 86 -18.39 -6.80 -16.16
C PRO D 86 -17.73 -8.05 -15.70
N PRO D 87 -16.87 -8.69 -16.57
CA PRO D 87 -16.23 -9.93 -16.08
C PRO D 87 -15.26 -9.72 -14.83
N MET D 88 -14.62 -8.56 -14.76
CA MET D 88 -13.69 -8.22 -13.68
C MET D 88 -14.45 -7.56 -12.50
N GLY D 89 -15.73 -7.22 -12.65
CA GLY D 89 -16.39 -6.52 -11.57
C GLY D 89 -15.85 -5.12 -11.26
N GLY D 90 -15.15 -4.46 -12.19
CA GLY D 90 -14.54 -3.23 -11.77
C GLY D 90 -13.98 -2.57 -12.94
N TYR D 91 -13.45 -1.39 -12.71
CA TYR D 91 -12.88 -0.60 -13.75
C TYR D 91 -11.43 -1.13 -14.09
N CYS D 92 -11.08 -1.06 -15.39
CA CYS D 92 -9.83 -1.53 -15.87
C CYS D 92 -9.21 -0.45 -16.74
N ILE D 93 -7.90 -0.32 -16.65
CA ILE D 93 -7.16 0.59 -17.49
C ILE D 93 -6.51 -0.29 -18.55
N GLU D 94 -6.77 0.06 -19.83
CA GLU D 94 -6.40 -0.74 -20.98
C GLU D 94 -6.01 0.14 -22.11
N PHE D 95 -5.37 -0.46 -23.11
CA PHE D 95 -5.14 0.19 -24.36
C PHE D 95 -6.56 0.23 -24.99
N PRO D 96 -6.84 1.25 -25.78
CA PRO D 96 -8.15 1.21 -26.48
C PRO D 96 -8.21 -0.05 -27.36
N ALA D 97 -9.35 -0.72 -27.37
CA ALA D 97 -9.45 -1.99 -28.04
C ALA D 97 -10.85 -2.18 -28.52
N GLY D 98 -11.02 -3.13 -29.43
CA GLY D 98 -12.35 -3.56 -29.90
C GLY D 98 -12.31 -4.70 -30.92
N LEU D 99 -13.45 -5.36 -31.12
CA LEU D 99 -13.53 -6.41 -32.17
C LEU D 99 -13.41 -5.84 -33.57
N ILE D 100 -12.90 -6.67 -34.48
CA ILE D 100 -12.74 -6.30 -35.86
C ILE D 100 -14.08 -6.62 -36.55
N ASP D 101 -14.57 -5.69 -37.38
CA ASP D 101 -15.84 -5.88 -38.16
C ASP D 101 -15.59 -6.78 -39.38
N ASP D 102 -16.60 -7.56 -39.83
CA ASP D 102 -16.42 -8.38 -41.06
C ASP D 102 -16.06 -7.46 -42.24
N GLY D 103 -14.96 -7.79 -42.91
CA GLY D 103 -14.46 -7.01 -44.06
C GLY D 103 -13.27 -6.13 -43.74
N GLU D 104 -13.35 -5.49 -42.57
CA GLU D 104 -12.41 -4.47 -42.11
C GLU D 104 -11.05 -5.01 -41.80
N THR D 105 -10.02 -4.34 -42.31
CA THR D 105 -8.64 -4.70 -42.05
C THR D 105 -8.30 -4.36 -40.57
N PRO D 106 -7.27 -5.02 -39.98
CA PRO D 106 -6.85 -4.60 -38.61
C PRO D 106 -6.44 -3.12 -38.48
N GLU D 107 -5.65 -2.63 -39.45
CA GLU D 107 -5.20 -1.25 -39.44
C GLU D 107 -6.39 -0.35 -39.33
N ALA D 108 -7.43 -0.60 -40.11
CA ALA D 108 -8.52 0.35 -40.22
C ALA D 108 -9.35 0.26 -38.95
N ALA D 109 -9.49 -0.94 -38.40
CA ALA D 109 -10.27 -1.07 -37.16
C ALA D 109 -9.56 -0.33 -36.01
N ALA D 110 -8.22 -0.36 -35.99
CA ALA D 110 -7.47 0.34 -34.92
C ALA D 110 -7.79 1.85 -34.98
N LEU D 111 -7.51 2.47 -36.14
CA LEU D 111 -7.85 3.92 -36.32
C LEU D 111 -9.32 4.16 -35.97
N ARG D 112 -10.20 3.27 -36.40
CA ARG D 112 -11.62 3.49 -36.11
C ARG D 112 -11.86 3.44 -34.62
N GLU D 113 -11.48 2.36 -33.99
CA GLU D 113 -11.68 2.21 -32.55
C GLU D 113 -10.97 3.30 -31.71
N LEU D 114 -9.79 3.72 -32.15
CA LEU D 114 -9.08 4.79 -31.44
C LEU D 114 -9.83 6.11 -31.49
N GLU D 115 -10.31 6.52 -32.68
CA GLU D 115 -11.22 7.67 -32.83
C GLU D 115 -12.51 7.44 -32.05
N GLU D 116 -13.15 6.26 -32.16
CA GLU D 116 -14.33 6.00 -31.31
C GLU D 116 -14.08 6.25 -29.84
N GLU D 117 -13.07 5.59 -29.29
CA GLU D 117 -12.93 5.54 -27.84
C GLU D 117 -12.15 6.76 -27.28
N THR D 118 -11.37 7.45 -28.12
CA THR D 118 -10.57 8.56 -27.67
C THR D 118 -10.84 9.88 -28.38
N GLY D 119 -11.31 9.86 -29.61
CA GLY D 119 -11.51 11.08 -30.38
C GLY D 119 -10.34 11.37 -31.28
N TYR D 120 -9.21 10.65 -31.14
CA TYR D 120 -8.01 11.03 -31.85
C TYR D 120 -7.96 10.36 -33.24
N LYS D 121 -7.25 11.00 -34.16
CA LYS D 121 -7.09 10.60 -35.54
C LYS D 121 -5.63 10.24 -35.66
N GLY D 122 -5.38 8.93 -35.66
CA GLY D 122 -4.07 8.38 -35.68
C GLY D 122 -3.54 8.19 -37.06
N ASP D 123 -2.26 7.87 -37.10
CA ASP D 123 -1.58 7.39 -38.28
C ASP D 123 -0.93 6.04 -37.91
N ILE D 124 -1.00 5.04 -38.82
CA ILE D 124 -0.48 3.71 -38.56
C ILE D 124 1.04 3.71 -38.56
N ALA D 125 1.68 3.24 -37.48
CA ALA D 125 3.13 3.04 -37.47
C ALA D 125 3.46 1.54 -37.70
N GLU D 126 2.77 0.61 -37.05
CA GLU D 126 3.04 -0.84 -37.31
C GLU D 126 1.88 -1.67 -36.81
N CYS D 127 1.78 -2.91 -37.30
CA CYS D 127 0.68 -3.78 -36.93
C CYS D 127 1.27 -5.16 -36.69
N SER D 128 0.92 -5.75 -35.55
CA SER D 128 1.44 -7.08 -35.18
C SER D 128 0.71 -8.20 -35.96
N PRO D 129 1.31 -9.39 -36.05
CA PRO D 129 0.47 -10.54 -36.41
C PRO D 129 -0.51 -10.86 -35.28
N ALA D 130 -1.40 -11.82 -35.47
CA ALA D 130 -2.37 -12.16 -34.45
C ALA D 130 -1.60 -12.78 -33.27
N VAL D 131 -1.91 -12.30 -32.06
CA VAL D 131 -1.17 -12.67 -30.84
C VAL D 131 -2.26 -13.17 -29.88
N CYS D 132 -1.94 -14.15 -29.04
CA CYS D 132 -2.92 -14.78 -28.20
C CYS D 132 -3.09 -14.07 -26.86
N MET D 133 -4.31 -14.01 -26.40
CA MET D 133 -4.69 -13.30 -25.22
C MET D 133 -4.44 -14.11 -23.97
N ASP D 134 -4.80 -15.36 -23.98
CA ASP D 134 -4.57 -16.18 -22.82
C ASP D 134 -4.64 -17.62 -23.31
N PRO D 135 -3.54 -18.15 -23.90
CA PRO D 135 -3.64 -19.36 -24.74
C PRO D 135 -3.92 -20.63 -23.96
N GLY D 136 -3.57 -20.66 -22.67
CA GLY D 136 -3.96 -21.80 -21.80
C GLY D 136 -5.46 -21.86 -21.43
N LEU D 137 -6.21 -20.83 -21.80
CA LEU D 137 -7.66 -20.72 -21.51
C LEU D 137 -8.52 -20.57 -22.76
N SER D 138 -8.13 -19.71 -23.67
CA SER D 138 -8.99 -19.33 -24.78
C SER D 138 -8.18 -19.32 -26.07
N ASN D 139 -8.88 -19.24 -27.18
CA ASN D 139 -8.24 -19.16 -28.49
C ASN D 139 -8.21 -17.72 -28.93
N CYS D 140 -8.53 -16.77 -28.03
CA CYS D 140 -8.75 -15.41 -28.52
C CYS D 140 -7.41 -14.77 -28.86
N THR D 141 -7.46 -13.99 -29.93
CA THR D 141 -6.29 -13.32 -30.47
C THR D 141 -6.62 -11.90 -30.82
N ILE D 142 -5.58 -11.08 -30.90
CA ILE D 142 -5.70 -9.73 -31.39
C ILE D 142 -4.51 -9.33 -32.25
N HIS D 143 -4.66 -8.25 -32.98
CA HIS D 143 -3.52 -7.53 -33.56
C HIS D 143 -3.29 -6.39 -32.60
N ILE D 144 -2.04 -6.21 -32.22
CA ILE D 144 -1.62 -5.01 -31.48
C ILE D 144 -1.14 -3.99 -32.50
N VAL D 145 -1.80 -2.83 -32.57
CA VAL D 145 -1.52 -1.85 -33.57
C VAL D 145 -0.98 -0.63 -32.89
N THR D 146 0.23 -0.22 -33.29
CA THR D 146 0.96 0.94 -32.76
C THR D 146 0.57 2.14 -33.64
N VAL D 147 0.09 3.21 -33.03
CA VAL D 147 -0.52 4.36 -33.73
C VAL D 147 -0.01 5.72 -33.19
N THR D 148 0.61 6.52 -34.05
CA THR D 148 1.06 7.87 -33.67
C THR D 148 -0.03 8.89 -33.92
N ILE D 149 -0.21 9.82 -32.98
CA ILE D 149 -1.20 10.89 -33.08
C ILE D 149 -0.42 12.19 -33.26
N ASN D 150 -0.80 13.00 -34.24
CA ASN D 150 -0.08 14.24 -34.53
C ASN D 150 -0.81 15.32 -33.78
N GLY D 151 -0.41 15.57 -32.52
CA GLY D 151 -1.07 16.56 -31.66
C GLY D 151 -0.85 18.02 -32.06
N ASP D 152 0.04 18.28 -33.02
CA ASP D 152 0.17 19.60 -33.70
C ASP D 152 -0.75 19.81 -34.95
N ASP D 153 -1.65 18.86 -35.22
CA ASP D 153 -2.72 19.02 -36.19
C ASP D 153 -3.97 19.48 -35.45
N ALA D 154 -4.76 20.31 -36.13
CA ALA D 154 -5.98 20.88 -35.56
C ALA D 154 -7.06 19.87 -35.09
N GLU D 155 -7.22 18.78 -35.85
CA GLU D 155 -8.24 17.75 -35.58
C GLU D 155 -7.99 17.06 -34.25
N ASN D 156 -6.73 17.06 -33.82
CA ASN D 156 -6.37 16.50 -32.52
C ASN D 156 -6.03 17.54 -31.45
N ALA D 157 -6.42 18.80 -31.65
CA ALA D 157 -6.23 19.86 -30.64
C ALA D 157 -6.96 19.63 -29.29
N ARG D 158 -8.19 19.14 -29.38
CA ARG D 158 -9.02 18.87 -28.18
C ARG D 158 -10.24 17.97 -28.44
N PRO D 159 -10.04 16.81 -29.11
CA PRO D 159 -11.15 15.90 -29.49
C PRO D 159 -11.79 15.13 -28.31
N LYS D 160 -13.00 14.63 -28.52
CA LYS D 160 -13.77 13.85 -27.54
C LYS D 160 -14.31 12.56 -28.19
N PRO D 161 -14.52 11.52 -27.36
CA PRO D 161 -14.87 10.20 -27.91
C PRO D 161 -16.29 10.16 -28.47
N LYS D 162 -16.52 9.38 -29.53
CA LYS D 162 -17.87 9.01 -29.97
C LYS D 162 -18.21 7.52 -29.63
N PRO D 163 -18.64 7.27 -28.39
CA PRO D 163 -18.99 5.89 -28.06
C PRO D 163 -20.24 5.39 -28.80
N GLY D 164 -20.28 4.07 -29.04
CA GLY D 164 -21.51 3.38 -29.43
C GLY D 164 -22.38 3.19 -28.19
N ASP D 165 -23.53 2.55 -28.37
CA ASP D 165 -24.49 2.32 -27.28
C ASP D 165 -23.86 1.31 -26.37
N GLY D 166 -24.12 1.44 -25.08
CA GLY D 166 -23.46 0.60 -24.07
C GLY D 166 -21.95 0.75 -23.87
N GLU D 167 -21.31 1.75 -24.52
CA GLU D 167 -19.86 1.98 -24.42
C GLU D 167 -19.60 3.28 -23.67
N PHE D 168 -18.93 3.18 -22.49
CA PHE D 168 -18.64 4.33 -21.60
C PHE D 168 -17.17 4.26 -21.19
N VAL D 169 -16.35 5.15 -21.71
CA VAL D 169 -14.91 5.03 -21.61
C VAL D 169 -14.28 6.38 -21.26
N GLU D 170 -13.47 6.43 -20.19
CA GLU D 170 -12.68 7.63 -19.84
C GLU D 170 -11.31 7.54 -20.52
N VAL D 171 -10.87 8.59 -21.19
CA VAL D 171 -9.53 8.67 -21.76
C VAL D 171 -8.62 8.96 -20.55
N ILE D 172 -7.44 8.33 -20.53
CA ILE D 172 -6.41 8.56 -19.49
C ILE D 172 -5.11 8.67 -20.25
N SER D 173 -4.61 9.88 -20.43
CA SER D 173 -3.35 10.11 -21.15
C SER D 173 -2.18 10.24 -20.17
N LEU D 174 -1.27 9.27 -20.18
CA LEU D 174 -0.15 9.26 -19.20
C LEU D 174 1.16 9.45 -19.92
N PRO D 175 2.13 10.10 -19.24
CA PRO D 175 3.40 10.35 -19.92
C PRO D 175 4.11 9.01 -20.18
N LYS D 176 4.65 8.86 -21.37
CA LYS D 176 5.36 7.67 -21.73
C LYS D 176 6.55 7.43 -20.73
N ASN D 177 7.19 8.53 -20.36
CA ASN D 177 8.40 8.53 -19.59
C ASN D 177 8.25 8.08 -18.12
N ASP D 178 7.03 8.00 -17.62
CA ASP D 178 6.90 7.49 -16.26
C ASP D 178 5.74 6.59 -16.15
N LEU D 179 5.51 5.79 -17.20
CA LEU D 179 4.27 5.04 -17.29
C LEU D 179 4.07 4.06 -16.17
N LEU D 180 5.13 3.31 -15.85
CA LEU D 180 4.99 2.26 -14.90
C LEU D 180 4.63 2.88 -13.56
N GLN D 181 5.33 3.96 -13.17
CA GLN D 181 5.15 4.59 -11.83
C GLN D 181 3.71 5.17 -11.70
N ARG D 182 3.23 5.77 -12.78
CA ARG D 182 1.87 6.31 -12.80
C ARG D 182 0.85 5.25 -12.68
N LEU D 183 1.08 4.13 -13.35
CA LEU D 183 0.20 3.02 -13.24
C LEU D 183 0.18 2.46 -11.87
N ASP D 184 1.36 2.22 -11.28
CA ASP D 184 1.40 1.71 -9.88
C ASP D 184 0.70 2.70 -8.94
N ALA D 185 0.92 4.01 -9.13
CA ALA D 185 0.25 5.01 -8.29
C ALA D 185 -1.28 4.84 -8.36
N LEU D 186 -1.83 4.82 -9.60
CA LEU D 186 -3.28 4.63 -9.81
C LEU D 186 -3.82 3.44 -9.07
N VAL D 187 -3.09 2.35 -9.15
CA VAL D 187 -3.47 1.10 -8.49
C VAL D 187 -3.37 1.18 -6.96
N ALA D 188 -2.44 2.01 -6.45
CA ALA D 188 -2.29 2.12 -4.99
C ALA D 188 -3.49 2.89 -4.40
N GLU D 189 -4.01 3.82 -5.21
CA GLU D 189 -5.02 4.77 -4.74
C GLU D 189 -6.48 4.55 -5.15
N GLU D 190 -6.73 3.83 -6.25
CA GLU D 190 -8.09 3.60 -6.75
C GLU D 190 -8.50 2.13 -6.86
N HIS D 191 -9.81 1.94 -6.86
CA HIS D 191 -10.42 0.67 -7.13
C HIS D 191 -10.37 0.51 -8.65
N LEU D 192 -9.27 -0.05 -9.14
CA LEU D 192 -9.15 -0.38 -10.58
C LEU D 192 -8.06 -1.44 -10.77
N THR D 193 -8.01 -2.01 -11.98
CA THR D 193 -7.02 -3.04 -12.36
C THR D 193 -6.34 -2.62 -13.69
N VAL D 194 -5.03 -2.81 -13.76
CA VAL D 194 -4.30 -2.43 -14.93
C VAL D 194 -4.26 -3.73 -15.72
N ASP D 195 -4.40 -3.59 -17.01
CA ASP D 195 -4.29 -4.71 -17.94
C ASP D 195 -2.85 -5.20 -18.07
N ALA D 196 -2.72 -6.51 -18.22
CA ALA D 196 -1.39 -7.16 -18.32
C ALA D 196 -0.58 -6.69 -19.50
N ARG D 197 -1.23 -6.39 -20.62
N ARG D 197 -1.24 -6.43 -20.64
CA ARG D 197 -0.50 -5.94 -21.80
CA ARG D 197 -0.58 -5.91 -21.86
C ARG D 197 -0.02 -4.50 -21.65
C ARG D 197 0.02 -4.55 -21.52
N VAL D 198 -0.80 -3.65 -20.96
CA VAL D 198 -0.35 -2.27 -20.61
C VAL D 198 0.84 -2.31 -19.62
N TYR D 199 0.75 -3.19 -18.65
CA TYR D 199 1.74 -3.32 -17.64
C TYR D 199 3.05 -3.92 -18.20
N SER D 200 2.96 -4.91 -19.10
CA SER D 200 4.15 -5.44 -19.78
C SER D 200 4.81 -4.37 -20.59
N TYR D 201 4.00 -3.59 -21.28
CA TYR D 201 4.48 -2.43 -22.05
C TYR D 201 5.26 -1.44 -21.16
N ALA D 202 4.61 -1.03 -20.08
CA ALA D 202 5.22 -0.10 -19.12
C ALA D 202 6.56 -0.66 -18.47
N LEU D 203 6.57 -1.94 -18.07
CA LEU D 203 7.80 -2.60 -17.58
C LEU D 203 8.96 -2.50 -18.55
N ALA D 204 8.67 -2.85 -19.79
CA ALA D 204 9.67 -2.85 -20.86
C ALA D 204 10.24 -1.46 -21.17
N LEU D 205 9.48 -0.38 -20.97
CA LEU D 205 10.05 0.98 -21.14
C LEU D 205 11.15 1.18 -20.08
N LYS D 206 11.00 0.58 -18.93
CA LYS D 206 12.02 0.66 -17.93
C LYS D 206 13.14 -0.30 -18.19
N HIS D 207 12.82 -1.54 -18.60
CA HIS D 207 13.84 -2.61 -18.78
C HIS D 207 14.78 -2.38 -19.94
N ALA D 208 14.30 -1.64 -20.94
CA ALA D 208 15.03 -1.45 -22.19
C ALA D 208 16.37 -0.75 -22.05
N ASN D 209 17.21 -0.95 -23.07
CA ASN D 209 18.42 -0.14 -23.27
C ASN D 209 19.57 -0.56 -22.35
MG MG E . -1.33 22.11 14.70
MG MG F . -3.34 24.72 13.85
N1 K04 G . 6.69 28.65 22.13
C4 K04 G . 1.13 27.97 19.88
C5 K04 G . 2.55 28.59 19.95
C6 K04 G . 4.68 28.43 21.16
C7 K04 G . 5.54 27.89 22.06
N K04 G . 3.44 28.04 20.90
C K04 G . 0.64 26.32 21.73
O K04 G . 0.56 28.06 18.61
C1 K04 G . 1.10 26.47 20.29
C2 K04 G . 0.09 25.87 19.31
C3 K04 G . -0.47 27.12 18.60
N2 K04 G . 6.73 29.65 21.42
O1 K04 G . 2.87 29.51 19.18
S K04 G . 5.35 29.87 20.47
C1 EDO H . -0.19 19.10 24.00
O1 EDO H . 1.20 19.07 24.33
C2 EDO H . -0.33 19.17 22.49
O2 EDO H . 0.02 17.90 21.94
CL CL I . 2.57 -9.31 16.54
C1 EDO J . 2.87 -19.98 20.90
O1 EDO J . 3.63 -18.79 21.23
C2 EDO J . 2.29 -20.60 22.17
O2 EDO J . 1.68 -19.55 22.99
MG MG K . 8.80 2.85 32.65
MG MG L . 11.59 0.05 34.46
N1 K04 M . 12.07 14.12 36.92
C4 K04 M . 14.01 8.32 36.38
C5 K04 M . 13.65 9.63 37.14
C6 K04 M . 12.78 11.95 36.84
C7 K04 M . 12.31 13.00 36.10
N K04 M . 13.16 10.72 36.37
C K04 M . 13.69 8.52 33.82
O K04 M . 13.89 7.21 37.25
C1 K04 M . 13.09 8.06 35.15
C2 K04 M . 12.89 6.55 35.24
C3 K04 M . 12.92 6.32 36.76
N2 K04 M . 12.32 13.97 38.14
O1 K04 M . 13.83 9.70 38.36
S K04 M . 12.91 12.39 38.55
C1 EDO N . 23.18 -17.21 -8.64
O1 EDO N . 22.29 -17.89 -9.55
C2 EDO N . 22.58 -15.93 -8.02
O2 EDO N . 21.56 -16.26 -7.08
MG MG O . 3.76 -24.76 -15.17
MG MG P . 3.04 -23.04 -17.65
N1 K04 Q . -8.21 -27.09 -18.80
C4 K04 Q . -3.20 -27.88 -15.38
C5 K04 Q . -4.35 -28.37 -16.29
C6 K04 Q . -6.33 -27.61 -17.61
C7 K04 Q . -7.10 -26.61 -18.09
N K04 Q . -5.23 -27.40 -16.85
C K04 Q . -4.31 -25.70 -14.43
O K04 Q . -1.92 -28.19 -15.86
C1 K04 Q . -3.12 -26.34 -15.14
C2 K04 Q . -1.86 -26.41 -14.28
C3 K04 Q . -1.00 -27.41 -15.10
N2 K04 Q . -8.27 -28.34 -18.86
O1 K04 Q . -4.46 -29.58 -16.50
S K04 Q . -6.96 -29.19 -18.06
N1 K04 R . -20.30 -10.77 -23.65
C4 K04 R . -20.24 -5.62 -27.20
C5 K04 R . -20.83 -6.66 -26.19
C6 K04 R . -20.38 -8.83 -24.94
C7 K04 R . -19.59 -9.90 -24.53
N K04 R . -20.02 -7.78 -25.81
C K04 R . -22.15 -4.54 -28.56
O K04 R . -18.90 -5.90 -27.56
C1 K04 R . -21.09 -5.65 -28.49
C2 K04 R . -20.04 -5.65 -29.64
C3 K04 R . -18.78 -6.20 -28.96
N2 K04 R . -21.46 -10.44 -23.40
O1 K04 R . -21.95 -6.45 -25.76
S K04 R . -21.98 -8.97 -24.20
C1 EDO S . -3.41 -17.50 -16.32
O1 EDO S . -3.00 -17.04 -17.62
C2 EDO S . -4.80 -16.94 -16.03
O2 EDO S . -5.73 -17.48 -17.00
MG MG T . -14.07 -0.94 -26.10
MG MG U . -14.78 -1.42 -28.43
C1 EDO V . -13.25 -12.21 -27.49
O1 EDO V . -14.04 -12.82 -28.51
C2 EDO V . -14.03 -11.19 -26.67
O2 EDO V . -15.42 -11.55 -26.57
#